data_8DTJ
#
_entry.id   8DTJ
#
_cell.length_a   60.499
_cell.length_b   107.483
_cell.length_c   83.399
_cell.angle_alpha   90.000
_cell.angle_beta   96.640
_cell.angle_gamma   90.000
#
_symmetry.space_group_name_H-M   'P 1 21 1'
#
loop_
_entity.id
_entity.type
_entity.pdbx_description
1 polymer 'Nicotinamide phosphoribosyltransferase'
2 non-polymer 'PHOSPHATE ION'
3 non-polymer GLYCEROL
4 non-polymer (3S)-N-[(1-benzothiophen-5-yl)methyl]-1-{2-[4-(trifluoromethyl)phenyl]-2H-pyrazolo[3,4-d]pyrimidin-4-yl}piperidine-3-carboxamide
5 non-polymer 'CHLORIDE ION'
6 water water
#
_entity_poly.entity_id   1
_entity_poly.type   'polypeptide(L)'
_entity_poly.pdbx_seq_one_letter_code
;MNPAAEAEFNILLATDSYKVTHYKQYPPNTSKVYSYFECREKKTENSKLRKVKYEETVFYGLQYILNKYLKGKVVTKEKI
QEAKDVYKEHFQDDVFNEKGWNYILEKYDGHLPIEIKAVPEGFVIPRGNVLFTVENTDPECYWLTNWIETILVQSWYPIT
VATNSREQKKILAKYLLETSGNLDGLEYKLHDFGYRGVSSQETAGIGASAHLVNFKGTDTVAGLALIKKYYGTKDPVPGY
SVPAAEHSTITAWGKDHEKDAFEHIVTQFSSVPVSVVSDSYDIYNACEKIWGEDLRHLIVSRSTQAPLIIRPDSGNPLDT
VLKVLEILGKKFPVTENSKGYKLLPPYLRVIQGDGVDINTLQEIVEGMKQKMWSIENIAFGSGGGLLQKLTRDLLNCSFK
CSYVVTNGLGINVFKDPVADPNKRSKKGRLSLHRTPAGNFVTLEEGKGDLEEYGQDLLHTVFKNGKVTKSYSFDEIRKNA
QLNIELEAAHHLEHHHHHH
;
_entity_poly.pdbx_strand_id   A,B
#
loop_
_chem_comp.id
_chem_comp.type
_chem_comp.name
_chem_comp.formula
CL non-polymer 'CHLORIDE ION' 'Cl -1'
GOL non-polymer GLYCEROL 'C3 H8 O3'
PO4 non-polymer 'PHOSPHATE ION' 'O4 P -3'
TKF non-polymer (3S)-N-[(1-benzothiophen-5-yl)methyl]-1-{2-[4-(trifluoromethyl)phenyl]-2H-pyrazolo[3,4-d]pyrimidin-4-yl}piperidine-3-carboxamide 'C27 H23 F3 N6 O S'
#
# COMPACT_ATOMS: atom_id res chain seq x y z
N GLU A 8 -18.46 11.62 0.60
CA GLU A 8 -18.96 10.90 1.76
C GLU A 8 -18.80 9.40 1.53
N PHE A 9 -18.20 8.72 2.50
CA PHE A 9 -17.97 7.28 2.40
C PHE A 9 -19.26 6.48 2.52
N ASN A 10 -19.46 5.54 1.61
CA ASN A 10 -20.63 4.69 1.65
C ASN A 10 -20.22 3.25 1.93
N ILE A 11 -20.67 2.71 3.06
CA ILE A 11 -20.30 1.36 3.45
C ILE A 11 -20.89 0.32 2.50
N LEU A 12 -21.97 0.69 1.84
CA LEU A 12 -22.62 -0.21 0.89
C LEU A 12 -21.79 -0.40 -0.38
N LEU A 13 -20.85 0.50 -0.60
CA LEU A 13 -19.96 0.45 -1.75
C LEU A 13 -18.52 0.12 -1.34
N ALA A 14 -18.34 -0.31 -0.10
CA ALA A 14 -17.01 -0.62 0.45
C ALA A 14 -16.69 -2.09 0.66
N THR A 15 -17.24 -2.96 -0.17
CA THR A 15 -17.02 -4.41 -0.07
C THR A 15 -16.65 -5.02 -1.42
N ASP A 16 -16.18 -6.26 -1.42
CA ASP A 16 -15.86 -6.96 -2.66
C ASP A 16 -17.16 -7.11 -3.46
N SER A 17 -17.07 -6.96 -4.78
CA SER A 17 -18.28 -6.93 -5.59
C SER A 17 -19.16 -8.16 -5.35
N TYR A 18 -18.56 -9.34 -5.35
CA TYR A 18 -19.34 -10.57 -5.31
C TYR A 18 -20.04 -10.79 -3.98
N LYS A 19 -19.64 -10.09 -2.91
CA LYS A 19 -20.35 -10.21 -1.64
C LYS A 19 -21.73 -9.58 -1.70
N VAL A 20 -22.00 -8.72 -2.69
CA VAL A 20 -23.33 -8.18 -2.90
C VAL A 20 -24.34 -9.29 -3.16
N THR A 21 -23.87 -10.41 -3.71
CA THR A 21 -24.73 -11.51 -4.12
C THR A 21 -24.78 -12.66 -3.12
N HIS A 22 -24.06 -12.54 -2.00
CA HIS A 22 -23.91 -13.69 -1.11
C HIS A 22 -25.14 -13.98 -0.27
N TYR A 23 -25.99 -12.98 -0.02
CA TYR A 23 -27.22 -13.24 0.73
C TYR A 23 -28.10 -14.29 0.07
N LYS A 24 -27.97 -14.48 -1.25
CA LYS A 24 -28.68 -15.51 -2.00
C LYS A 24 -28.02 -16.88 -1.90
N GLN A 25 -26.86 -16.99 -1.25
CA GLN A 25 -26.06 -18.21 -1.36
C GLN A 25 -25.98 -19.02 -0.08
N TYR A 26 -26.26 -18.43 1.08
CA TYR A 26 -26.25 -19.17 2.33
C TYR A 26 -27.38 -20.19 2.34
N PRO A 27 -27.28 -21.23 3.17
CA PRO A 27 -28.39 -22.17 3.33
C PRO A 27 -29.63 -21.43 3.80
N PRO A 28 -30.80 -21.75 3.24
CA PRO A 28 -32.04 -21.19 3.78
C PRO A 28 -32.18 -21.50 5.26
N ASN A 29 -32.85 -20.59 5.98
CA ASN A 29 -33.10 -20.70 7.41
C ASN A 29 -31.82 -20.53 8.23
N THR A 30 -30.90 -19.69 7.77
CA THR A 30 -29.67 -19.39 8.49
C THR A 30 -29.88 -18.10 9.29
N SER A 31 -29.70 -18.19 10.60
CA SER A 31 -29.94 -17.04 11.49
C SER A 31 -28.68 -16.38 12.02
N LYS A 32 -27.52 -17.05 11.95
CA LYS A 32 -26.28 -16.47 12.45
C LYS A 32 -25.12 -16.89 11.58
N VAL A 33 -24.23 -15.93 11.30
CA VAL A 33 -22.95 -16.19 10.64
C VAL A 33 -21.86 -15.63 11.55
N TYR A 34 -20.93 -16.49 11.95
CA TYR A 34 -19.89 -16.18 12.92
C TYR A 34 -18.54 -16.42 12.26
N SER A 35 -17.69 -15.40 12.22
CA SER A 35 -16.42 -15.47 11.52
C SER A 35 -15.32 -14.87 12.38
N TYR A 36 -14.08 -15.29 12.11
CA TYR A 36 -12.94 -14.91 12.93
C TYR A 36 -11.77 -14.51 12.04
N PHE A 37 -10.80 -13.83 12.65
CA PHE A 37 -9.60 -13.35 11.99
C PHE A 37 -8.38 -13.94 12.69
N GLU A 38 -7.41 -14.40 11.91
CA GLU A 38 -6.21 -14.98 12.50
C GLU A 38 -5.02 -14.77 11.57
N CYS A 39 -3.83 -14.94 12.12
CA CYS A 39 -2.59 -14.88 11.35
C CYS A 39 -2.14 -16.33 11.36
N ARG A 40 -2.50 -17.05 10.30
CA ARG A 40 -2.24 -18.48 10.20
C ARG A 40 -0.79 -18.91 10.24
N GLU A 41 -0.56 -20.06 10.86
CA GLU A 41 0.76 -20.67 10.96
C GLU A 41 1.14 -21.22 9.60
N LYS A 42 2.44 -21.32 9.34
CA LYS A 42 2.92 -21.86 8.08
C LYS A 42 3.60 -23.20 8.29
N VAL A 52 13.84 -14.47 9.54
CA VAL A 52 12.86 -14.04 10.52
C VAL A 52 11.56 -14.82 10.32
N LYS A 53 11.09 -15.45 11.39
CA LYS A 53 9.95 -16.35 11.31
C LYS A 53 8.61 -15.66 11.57
N TYR A 54 8.62 -14.50 12.23
CA TYR A 54 7.39 -13.78 12.61
C TYR A 54 6.47 -14.68 13.42
N GLU A 55 6.99 -15.17 14.55
CA GLU A 55 6.26 -16.14 15.36
C GLU A 55 5.10 -15.50 16.13
N GLU A 56 5.10 -14.19 16.28
CA GLU A 56 4.09 -13.49 17.08
C GLU A 56 3.79 -12.16 16.42
N THR A 57 2.54 -11.70 16.58
CA THR A 57 2.06 -10.51 15.89
C THR A 57 1.51 -9.51 16.89
N VAL A 58 1.77 -8.23 16.63
CA VAL A 58 1.15 -7.13 17.36
C VAL A 58 -0.23 -6.91 16.77
N PHE A 59 -1.26 -6.98 17.61
CA PHE A 59 -2.62 -6.66 17.18
C PHE A 59 -2.83 -5.17 17.34
N TYR A 60 -2.96 -4.46 16.21
CA TYR A 60 -3.19 -3.03 16.24
C TYR A 60 -3.91 -2.61 14.96
N GLY A 61 -4.83 -1.66 15.10
CA GLY A 61 -5.44 -1.06 13.93
C GLY A 61 -6.95 -1.14 13.86
N LEU A 62 -7.55 -2.10 14.56
CA LEU A 62 -8.98 -2.31 14.44
C LEU A 62 -9.77 -1.10 14.92
N GLN A 63 -9.31 -0.45 16.00
CA GLN A 63 -10.04 0.68 16.57
C GLN A 63 -10.17 1.83 15.58
N TYR A 64 -9.14 2.03 14.75
CA TYR A 64 -9.22 3.03 13.69
C TYR A 64 -10.38 2.72 12.75
N ILE A 65 -10.51 1.46 12.35
CA ILE A 65 -11.52 1.08 11.36
C ILE A 65 -12.91 1.14 11.98
N LEU A 66 -13.05 0.71 13.24
CA LEU A 66 -14.35 0.75 13.90
C LEU A 66 -14.90 2.17 13.94
N ASN A 67 -14.05 3.15 14.26
CA ASN A 67 -14.50 4.53 14.40
C ASN A 67 -14.70 5.20 13.05
N LYS A 68 -13.78 4.99 12.11
CA LYS A 68 -13.83 5.73 10.86
C LYS A 68 -14.94 5.21 9.94
N TYR A 69 -15.17 3.89 9.92
CA TYR A 69 -15.97 3.28 8.88
C TYR A 69 -17.22 2.55 9.36
N LEU A 70 -17.24 2.04 10.59
CA LEU A 70 -18.30 1.12 11.00
C LEU A 70 -19.28 1.70 12.02
N LYS A 71 -18.87 2.65 12.84
CA LYS A 71 -19.72 3.08 13.94
C LYS A 71 -20.77 4.09 13.49
N GLY A 72 -21.84 4.18 14.27
CA GLY A 72 -22.85 5.19 14.05
C GLY A 72 -23.85 4.82 12.95
N LYS A 73 -24.51 5.85 12.43
CA LYS A 73 -25.48 5.69 11.35
C LYS A 73 -24.72 5.62 10.04
N VAL A 74 -24.51 4.41 9.53
CA VAL A 74 -23.76 4.22 8.30
C VAL A 74 -24.64 3.93 7.09
N VAL A 75 -25.94 3.75 7.29
CA VAL A 75 -26.89 3.51 6.21
C VAL A 75 -27.89 4.67 6.16
N THR A 76 -28.12 5.19 4.96
CA THR A 76 -29.15 6.19 4.71
C THR A 76 -29.93 5.78 3.47
N LYS A 77 -31.09 6.41 3.27
CA LYS A 77 -31.87 6.11 2.08
C LYS A 77 -31.15 6.56 0.81
N GLU A 78 -30.38 7.65 0.89
CA GLU A 78 -29.59 8.08 -0.26
C GLU A 78 -28.49 7.07 -0.57
N LYS A 79 -27.83 6.55 0.47
CA LYS A 79 -26.76 5.59 0.25
C LYS A 79 -27.29 4.26 -0.28
N ILE A 80 -28.50 3.87 0.12
CA ILE A 80 -29.12 2.67 -0.45
C ILE A 80 -29.41 2.86 -1.93
N GLN A 81 -29.97 4.03 -2.28
CA GLN A 81 -30.28 4.32 -3.68
C GLN A 81 -29.01 4.42 -4.52
N GLU A 82 -27.97 5.04 -3.97
CA GLU A 82 -26.69 5.15 -4.67
C GLU A 82 -26.12 3.78 -4.99
N ALA A 83 -26.11 2.88 -4.00
CA ALA A 83 -25.56 1.54 -4.22
C ALA A 83 -26.39 0.78 -5.24
N LYS A 84 -27.72 0.88 -5.14
CA LYS A 84 -28.60 0.20 -6.10
C LYS A 84 -28.27 0.60 -7.53
N ASP A 85 -28.01 1.88 -7.77
CA ASP A 85 -27.78 2.37 -9.13
C ASP A 85 -26.47 1.87 -9.68
N VAL A 86 -25.40 1.99 -8.91
CA VAL A 86 -24.08 1.53 -9.35
C VAL A 86 -24.05 0.02 -9.57
N TYR A 87 -24.65 -0.71 -8.66
CA TYR A 87 -24.66 -2.15 -8.75
C TYR A 87 -25.40 -2.68 -9.96
N LYS A 88 -26.49 -2.02 -10.33
CA LYS A 88 -27.24 -2.45 -11.49
C LYS A 88 -26.35 -2.36 -12.73
N GLU A 89 -25.63 -1.25 -12.87
CA GLU A 89 -24.71 -1.11 -13.99
C GLU A 89 -23.52 -2.06 -13.91
N HIS A 90 -22.98 -2.20 -12.70
CA HIS A 90 -21.80 -3.01 -12.47
C HIS A 90 -21.99 -4.48 -12.78
N PHE A 91 -23.11 -5.05 -12.33
CA PHE A 91 -23.39 -6.46 -12.58
C PHE A 91 -24.25 -6.72 -13.81
N GLN A 92 -24.83 -5.66 -14.37
CA GLN A 92 -25.77 -5.73 -15.53
C GLN A 92 -27.02 -6.58 -15.19
N ASP A 93 -27.45 -6.52 -13.94
CA ASP A 93 -28.57 -7.26 -13.38
C ASP A 93 -28.91 -6.63 -12.03
N ASP A 94 -30.09 -6.91 -11.50
CA ASP A 94 -30.39 -6.37 -10.20
C ASP A 94 -30.18 -7.48 -9.17
N VAL A 95 -29.04 -7.43 -8.48
CA VAL A 95 -28.74 -8.40 -7.42
C VAL A 95 -28.67 -7.75 -6.05
N PHE A 96 -28.71 -6.42 -5.97
CA PHE A 96 -28.46 -5.72 -4.72
C PHE A 96 -29.56 -6.00 -3.70
N ASN A 97 -29.15 -6.23 -2.46
CA ASN A 97 -30.08 -6.56 -1.37
C ASN A 97 -30.60 -5.27 -0.74
N GLU A 98 -31.45 -4.59 -1.51
CA GLU A 98 -32.07 -3.34 -1.02
C GLU A 98 -32.97 -3.60 0.18
N LYS A 99 -33.63 -4.76 0.21
CA LYS A 99 -34.55 -5.08 1.31
C LYS A 99 -33.79 -5.24 2.62
N GLY A 100 -32.68 -5.98 2.60
CA GLY A 100 -31.93 -6.19 3.83
C GLY A 100 -31.31 -4.91 4.35
N TRP A 101 -30.87 -4.03 3.46
CA TRP A 101 -30.25 -2.78 3.91
C TRP A 101 -31.29 -1.79 4.39
N ASN A 102 -32.48 -1.80 3.80
CA ASN A 102 -33.56 -0.95 4.31
C ASN A 102 -34.05 -1.43 5.67
N TYR A 103 -33.97 -2.74 5.92
CA TYR A 103 -34.32 -3.26 7.23
C TYR A 103 -33.42 -2.67 8.31
N ILE A 104 -32.12 -2.62 8.04
CA ILE A 104 -31.17 -2.05 9.02
C ILE A 104 -31.45 -0.57 9.21
N LEU A 105 -31.81 0.14 8.15
CA LEU A 105 -32.12 1.56 8.26
C LEU A 105 -33.34 1.79 9.16
N GLU A 106 -34.41 1.05 8.90
CA GLU A 106 -35.66 1.27 9.63
C GLU A 106 -35.60 0.72 11.05
N LYS A 107 -34.98 -0.45 11.23
CA LYS A 107 -35.01 -1.09 12.54
C LYS A 107 -33.98 -0.51 13.50
N TYR A 108 -32.81 -0.12 13.00
CA TYR A 108 -31.72 0.28 13.87
C TYR A 108 -31.16 1.67 13.54
N ASP A 109 -31.90 2.48 12.79
CA ASP A 109 -31.47 3.84 12.45
C ASP A 109 -30.09 3.82 11.76
N GLY A 110 -29.89 2.85 10.89
CA GLY A 110 -28.64 2.77 10.14
C GLY A 110 -27.46 2.22 10.90
N HIS A 111 -27.65 1.73 12.12
CA HIS A 111 -26.55 1.17 12.90
C HIS A 111 -26.43 -0.33 12.61
N LEU A 112 -25.20 -0.81 12.49
CA LEU A 112 -24.95 -2.18 12.08
C LEU A 112 -25.22 -3.14 13.24
N PRO A 113 -26.15 -4.09 13.10
CA PRO A 113 -26.39 -5.11 14.15
C PRO A 113 -25.31 -6.20 14.11
N ILE A 114 -24.12 -5.84 14.61
CA ILE A 114 -22.95 -6.69 14.57
C ILE A 114 -22.27 -6.63 15.93
N GLU A 115 -21.70 -7.75 16.38
CA GLU A 115 -20.85 -7.76 17.57
C GLU A 115 -19.46 -8.22 17.18
N ILE A 116 -18.45 -7.43 17.57
CA ILE A 116 -17.06 -7.74 17.30
C ILE A 116 -16.34 -7.84 18.64
N LYS A 117 -15.71 -8.99 18.89
CA LYS A 117 -14.89 -9.21 20.07
C LYS A 117 -13.43 -9.32 19.65
N ALA A 118 -12.52 -8.74 20.44
CA ALA A 118 -11.14 -8.64 20.02
C ALA A 118 -10.19 -8.70 21.20
N VAL A 119 -9.01 -9.26 20.96
CA VAL A 119 -7.89 -9.17 21.91
C VAL A 119 -7.50 -7.70 22.04
N PRO A 120 -7.06 -7.22 23.21
CA PRO A 120 -6.70 -5.80 23.33
C PRO A 120 -5.60 -5.38 22.37
N GLU A 121 -5.68 -4.14 21.91
CA GLU A 121 -4.71 -3.63 20.96
C GLU A 121 -3.35 -3.49 21.62
N GLY A 122 -2.31 -3.82 20.86
CA GLY A 122 -0.96 -3.88 21.38
C GLY A 122 -0.53 -5.26 21.85
N PHE A 123 -1.48 -6.17 22.08
CA PHE A 123 -1.15 -7.50 22.54
C PHE A 123 -0.31 -8.24 21.52
N VAL A 124 0.69 -8.97 22.01
CA VAL A 124 1.60 -9.75 21.17
C VAL A 124 1.18 -11.21 21.29
N ILE A 125 0.64 -11.76 20.21
CA ILE A 125 -0.02 -13.05 20.21
C ILE A 125 0.72 -13.97 19.23
N PRO A 126 1.01 -15.21 19.61
CA PRO A 126 1.65 -16.13 18.65
C PRO A 126 0.74 -16.44 17.47
N ARG A 127 1.36 -16.88 16.38
CA ARG A 127 0.61 -17.19 15.16
C ARG A 127 -0.39 -18.32 15.42
N GLY A 128 -1.48 -18.30 14.66
CA GLY A 128 -2.48 -19.35 14.74
C GLY A 128 -3.53 -19.15 15.80
N ASN A 129 -3.70 -17.93 16.32
CA ASN A 129 -4.66 -17.67 17.37
C ASN A 129 -5.71 -16.69 16.90
N VAL A 130 -6.93 -16.85 17.42
CA VAL A 130 -8.02 -15.94 17.08
C VAL A 130 -7.70 -14.56 17.65
N LEU A 131 -7.76 -13.55 16.80
CA LEU A 131 -7.51 -12.17 17.20
C LEU A 131 -8.77 -11.34 17.31
N PHE A 132 -9.74 -11.56 16.43
CA PHE A 132 -11.08 -11.01 16.65
C PHE A 132 -12.11 -11.86 15.93
N THR A 133 -13.36 -11.76 16.39
CA THR A 133 -14.48 -12.50 15.83
C THR A 133 -15.61 -11.53 15.48
N VAL A 134 -16.41 -11.92 14.49
CA VAL A 134 -17.50 -11.10 13.98
C VAL A 134 -18.75 -11.97 13.88
N GLU A 135 -19.90 -11.42 14.29
CA GLU A 135 -21.16 -12.13 14.19
C GLU A 135 -22.31 -11.13 14.16
N ASN A 136 -23.44 -11.56 13.61
CA ASN A 136 -24.64 -10.74 13.55
C ASN A 136 -25.46 -10.93 14.82
N THR A 137 -26.08 -9.84 15.27
CA THR A 137 -26.91 -9.85 16.46
C THR A 137 -28.40 -9.87 16.15
N ASP A 138 -28.77 -9.94 14.87
CA ASP A 138 -30.16 -9.98 14.44
C ASP A 138 -30.23 -11.08 13.39
N PRO A 139 -31.16 -12.04 13.54
CA PRO A 139 -31.22 -13.15 12.58
C PRO A 139 -31.43 -12.71 11.14
N GLU A 140 -32.08 -11.57 10.91
CA GLU A 140 -32.30 -11.10 9.55
C GLU A 140 -31.01 -10.66 8.86
N CYS A 141 -29.97 -10.32 9.63
CA CYS A 141 -28.73 -9.79 9.09
C CYS A 141 -27.61 -10.82 9.09
N TYR A 142 -27.94 -12.08 8.85
CA TYR A 142 -26.95 -13.14 8.74
C TYR A 142 -25.90 -12.80 7.68
N TRP A 143 -26.32 -12.12 6.61
CA TRP A 143 -25.42 -11.80 5.52
C TRP A 143 -24.44 -10.70 5.86
N LEU A 144 -24.67 -9.97 6.95
CA LEU A 144 -23.88 -8.77 7.24
C LEU A 144 -22.50 -9.10 7.79
N THR A 145 -22.35 -10.27 8.41
CA THR A 145 -21.08 -10.63 9.04
C THR A 145 -19.94 -10.59 8.03
N ASN A 146 -20.12 -11.25 6.88
CA ASN A 146 -19.08 -11.31 5.88
C ASN A 146 -19.12 -10.17 4.88
N TRP A 147 -20.18 -9.36 4.88
CA TRP A 147 -20.19 -8.15 4.06
C TRP A 147 -19.04 -7.23 4.47
N ILE A 148 -18.77 -7.15 5.77
CA ILE A 148 -17.76 -6.24 6.29
C ILE A 148 -16.42 -6.95 6.42
N GLU A 149 -16.28 -8.10 5.75
CA GLU A 149 -14.98 -8.77 5.76
C GLU A 149 -13.90 -7.90 5.14
N THR A 150 -14.18 -7.34 3.96
CA THR A 150 -13.17 -6.57 3.23
C THR A 150 -12.68 -5.38 4.06
N ILE A 151 -13.60 -4.67 4.70
CA ILE A 151 -13.21 -3.54 5.54
C ILE A 151 -12.34 -4.02 6.70
N LEU A 152 -12.77 -5.10 7.36
CA LEU A 152 -12.07 -5.55 8.57
C LEU A 152 -10.72 -6.17 8.24
N VAL A 153 -10.64 -6.91 7.13
CA VAL A 153 -9.41 -7.63 6.78
C VAL A 153 -8.25 -6.67 6.51
N GLN A 154 -8.54 -5.46 6.06
CA GLN A 154 -7.48 -4.46 5.86
C GLN A 154 -6.75 -4.11 7.15
N SER A 155 -7.18 -4.62 8.32
CA SER A 155 -6.38 -4.54 9.53
C SER A 155 -5.08 -5.32 9.44
N TRP A 156 -4.94 -6.18 8.41
CA TRP A 156 -3.67 -6.87 8.19
C TRP A 156 -2.52 -5.88 8.07
N TYR A 157 -2.78 -4.70 7.54
CA TYR A 157 -1.69 -3.78 7.22
C TYR A 157 -1.12 -3.14 8.48
N PRO A 158 -1.92 -2.49 9.35
CA PRO A 158 -1.34 -2.01 10.61
C PRO A 158 -0.80 -3.13 11.48
N ILE A 159 -1.39 -4.32 11.43
CA ILE A 159 -0.86 -5.46 12.16
C ILE A 159 0.51 -5.84 11.62
N THR A 160 0.67 -5.87 10.30
CA THR A 160 1.93 -6.32 9.72
C THR A 160 3.00 -5.26 9.85
N VAL A 161 2.65 -3.98 9.74
CA VAL A 161 3.64 -2.92 9.93
C VAL A 161 4.14 -2.91 11.37
N ALA A 162 3.22 -3.06 12.33
CA ALA A 162 3.62 -3.06 13.74
C ALA A 162 4.47 -4.29 14.07
N THR A 163 4.10 -5.44 13.52
CA THR A 163 4.87 -6.66 13.78
C THR A 163 6.26 -6.57 13.17
N ASN A 164 6.35 -6.20 11.89
CA ASN A 164 7.65 -6.12 11.23
C ASN A 164 8.52 -5.03 11.84
N SER A 165 7.92 -3.94 12.31
CA SER A 165 8.70 -2.90 12.98
C SER A 165 9.19 -3.38 14.34
N ARG A 166 8.37 -4.15 15.06
CA ARG A 166 8.78 -4.67 16.36
C ARG A 166 9.89 -5.71 16.22
N GLU A 167 9.83 -6.51 15.16
CA GLU A 167 10.91 -7.48 14.92
C GLU A 167 12.23 -6.80 14.62
N GLN A 168 12.19 -5.66 13.92
CA GLN A 168 13.41 -4.88 13.71
C GLN A 168 13.91 -4.27 15.01
N LYS A 169 12.99 -3.89 15.90
CA LYS A 169 13.38 -3.41 17.23
C LYS A 169 14.09 -4.50 18.02
N LYS A 170 13.65 -5.75 17.86
CA LYS A 170 14.30 -6.87 18.52
C LYS A 170 15.76 -6.99 18.11
N ILE A 171 16.02 -6.87 16.80
CA ILE A 171 17.39 -6.97 16.30
C ILE A 171 18.23 -5.83 16.83
N LEU A 172 17.71 -4.60 16.74
CA LEU A 172 18.44 -3.45 17.25
C LEU A 172 18.71 -3.58 18.74
N ALA A 173 17.73 -4.07 19.50
CA ALA A 173 17.90 -4.24 20.93
C ALA A 173 19.02 -5.23 21.25
N LYS A 174 19.06 -6.34 20.52
CA LYS A 174 20.08 -7.37 20.79
C LYS A 174 21.48 -6.83 20.58
N TYR A 175 21.70 -6.10 19.48
CA TYR A 175 23.04 -5.63 19.16
C TYR A 175 23.42 -4.36 19.91
N LEU A 176 22.45 -3.49 20.21
CA LEU A 176 22.73 -2.35 21.07
C LEU A 176 23.17 -2.81 22.45
N LEU A 177 22.47 -3.80 23.01
CA LEU A 177 22.84 -4.32 24.33
C LEU A 177 24.20 -5.01 24.30
N GLU A 178 24.49 -5.71 23.20
CA GLU A 178 25.78 -6.40 23.10
C GLU A 178 26.94 -5.41 23.04
N THR A 179 26.81 -4.36 22.24
CA THR A 179 27.93 -3.47 21.96
C THR A 179 27.99 -2.26 22.88
N SER A 180 26.92 -1.94 23.61
CA SER A 180 26.89 -0.77 24.47
C SER A 180 26.62 -1.08 25.92
N GLY A 181 25.86 -2.14 26.23
CA GLY A 181 25.56 -2.49 27.59
C GLY A 181 24.21 -2.04 28.10
N ASN A 182 23.41 -1.37 27.27
CA ASN A 182 22.08 -0.92 27.65
C ASN A 182 21.26 -0.71 26.39
N LEU A 183 20.08 -0.11 26.54
CA LEU A 183 19.16 0.11 25.44
C LEU A 183 18.82 1.59 25.28
N ASP A 184 19.72 2.46 25.71
CA ASP A 184 19.45 3.89 25.66
C ASP A 184 19.22 4.35 24.22
N GLY A 185 18.09 5.00 24.00
CA GLY A 185 17.78 5.52 22.69
C GLY A 185 17.33 4.48 21.68
N LEU A 186 16.96 3.29 22.13
CA LEU A 186 16.52 2.24 21.22
C LEU A 186 15.29 2.68 20.42
N GLU A 187 14.35 3.34 21.09
CA GLU A 187 13.08 3.74 20.48
C GLU A 187 13.26 4.83 19.44
N TYR A 188 14.49 5.26 19.21
CA TYR A 188 14.81 6.25 18.19
C TYR A 188 15.69 5.69 17.07
N LYS A 189 15.95 4.39 17.07
CA LYS A 189 16.93 3.80 16.16
C LYS A 189 16.37 3.46 14.79
N LEU A 190 15.06 3.48 14.60
CA LEU A 190 14.44 3.18 13.32
C LEU A 190 13.46 4.30 12.98
N HIS A 191 13.83 5.14 12.01
CA HIS A 191 13.03 6.31 11.65
C HIS A 191 12.20 6.03 10.41
N ASP A 192 10.97 6.53 10.41
CA ASP A 192 10.01 6.29 9.33
C ASP A 192 10.20 7.34 8.24
N PHE A 193 10.73 6.90 7.10
CA PHE A 193 10.90 7.75 5.92
C PHE A 193 9.90 7.43 4.82
N GLY A 194 8.86 6.67 5.13
CA GLY A 194 8.04 6.03 4.11
C GLY A 194 6.90 6.85 3.52
N TYR A 195 6.83 8.15 3.79
CA TYR A 195 5.67 8.94 3.34
C TYR A 195 5.51 8.90 1.83
N ARG A 196 6.58 9.21 1.08
CA ARG A 196 6.49 9.26 -0.36
C ARG A 196 6.57 7.87 -1.01
N GLY A 197 6.94 6.84 -0.26
CA GLY A 197 7.05 5.50 -0.79
C GLY A 197 5.83 4.63 -0.66
N VAL A 198 4.73 5.14 -0.12
CA VAL A 198 3.53 4.36 0.08
C VAL A 198 2.51 4.72 -1.00
N SER A 199 1.38 4.02 -0.99
CA SER A 199 0.43 4.07 -2.09
C SER A 199 -0.59 5.20 -1.97
N SER A 200 -0.75 5.82 -0.81
CA SER A 200 -1.76 6.87 -0.68
C SER A 200 -1.54 7.62 0.63
N GLN A 201 -2.33 8.69 0.80
CA GLN A 201 -2.29 9.47 2.03
C GLN A 201 -2.81 8.67 3.22
N GLU A 202 -3.93 7.97 3.04
CA GLU A 202 -4.51 7.21 4.14
C GLU A 202 -3.57 6.09 4.59
N THR A 203 -2.91 5.43 3.64
CA THR A 203 -1.94 4.40 3.99
C THR A 203 -0.78 4.99 4.79
N ALA A 204 -0.33 6.20 4.42
CA ALA A 204 0.77 6.84 5.12
C ALA A 204 0.43 7.07 6.59
N GLY A 205 -0.79 7.51 6.88
CA GLY A 205 -1.18 7.74 8.26
C GLY A 205 -1.33 6.46 9.05
N ILE A 206 -1.94 5.44 8.44
CA ILE A 206 -2.12 4.17 9.14
C ILE A 206 -0.78 3.51 9.41
N GLY A 207 0.08 3.43 8.41
CA GLY A 207 1.35 2.73 8.56
C GLY A 207 2.30 3.43 9.52
N ALA A 208 2.35 4.76 9.46
CA ALA A 208 3.17 5.50 10.42
C ALA A 208 2.64 5.35 11.83
N SER A 209 1.32 5.25 11.98
CA SER A 209 0.75 4.99 13.29
C SER A 209 1.19 3.63 13.83
N ALA A 210 1.28 2.62 12.96
CA ALA A 210 1.69 1.30 13.42
C ALA A 210 3.18 1.25 13.77
N HIS A 211 3.99 2.05 13.07
CA HIS A 211 5.41 2.14 13.40
C HIS A 211 5.62 2.78 14.76
N LEU A 212 4.82 3.81 15.09
CA LEU A 212 4.96 4.51 16.35
C LEU A 212 4.56 3.66 17.55
N VAL A 213 3.93 2.50 17.32
CA VAL A 213 3.70 1.56 18.41
C VAL A 213 5.02 1.13 19.03
N ASN A 214 6.09 1.06 18.23
CA ASN A 214 7.37 0.55 18.67
C ASN A 214 8.47 1.60 18.75
N PHE A 215 8.39 2.67 17.96
CA PHE A 215 9.43 3.69 17.94
C PHE A 215 8.80 5.06 18.08
N LYS A 216 9.65 6.08 18.17
CA LYS A 216 9.21 7.46 18.35
C LYS A 216 9.59 8.38 17.20
N GLY A 217 10.36 7.91 16.22
CA GLY A 217 10.85 8.75 15.15
C GLY A 217 10.07 8.54 13.86
N THR A 218 9.53 9.63 13.32
CA THR A 218 8.78 9.56 12.09
C THR A 218 8.86 10.89 11.35
N ASP A 219 9.00 10.82 10.02
CA ASP A 219 8.83 11.97 9.16
C ASP A 219 7.45 12.02 8.52
N THR A 220 6.64 10.98 8.71
CA THR A 220 5.29 10.92 8.16
C THR A 220 4.35 11.58 9.16
N VAL A 221 4.04 12.85 8.92
CA VAL A 221 3.27 13.63 9.89
C VAL A 221 1.85 13.13 10.03
N ALA A 222 1.31 12.48 8.99
CA ALA A 222 -0.09 12.07 9.02
C ALA A 222 -0.37 11.06 10.13
N GLY A 223 0.63 10.26 10.51
CA GLY A 223 0.43 9.30 11.58
C GLY A 223 0.14 9.94 12.92
N LEU A 224 0.65 11.15 13.13
CA LEU A 224 0.41 11.84 14.40
C LEU A 224 -1.06 12.24 14.54
N ALA A 225 -1.66 12.77 13.47
CA ALA A 225 -3.05 13.20 13.54
C ALA A 225 -3.99 12.00 13.69
N LEU A 226 -3.66 10.88 13.07
CA LEU A 226 -4.46 9.67 13.22
C LEU A 226 -4.51 9.23 14.67
N ILE A 227 -3.36 9.17 15.30
CA ILE A 227 -3.27 8.72 16.67
C ILE A 227 -4.03 9.63 17.63
N LYS A 228 -3.90 10.93 17.46
CA LYS A 228 -4.59 11.84 18.35
C LYS A 228 -6.11 11.69 18.22
N LYS A 229 -6.56 11.62 16.98
CA LYS A 229 -7.98 11.47 16.65
C LYS A 229 -8.62 10.15 17.05
N TYR A 230 -7.93 9.04 16.82
CA TYR A 230 -8.50 7.73 17.11
C TYR A 230 -8.01 6.98 18.35
N TYR A 231 -6.81 7.27 18.82
CA TYR A 231 -6.31 6.58 20.00
C TYR A 231 -6.00 7.54 21.16
N GLY A 232 -5.12 8.49 20.90
CA GLY A 232 -4.73 9.51 21.88
C GLY A 232 -3.53 9.16 22.73
N THR A 233 -2.81 10.20 23.14
CA THR A 233 -1.64 10.04 24.02
C THR A 233 -1.59 11.18 25.04
N LYS A 234 -1.02 10.90 26.21
CA LYS A 234 -0.90 11.91 27.25
C LYS A 234 0.02 13.02 26.73
N ASP A 235 1.07 12.61 26.03
CA ASP A 235 2.02 13.55 25.44
C ASP A 235 1.38 14.27 24.26
N PRO A 236 1.86 15.48 23.95
CA PRO A 236 1.26 16.23 22.84
C PRO A 236 1.40 15.50 21.51
N VAL A 237 2.57 14.92 21.26
CA VAL A 237 2.80 14.19 20.00
C VAL A 237 3.46 12.83 20.18
N PRO A 238 2.97 11.83 19.44
CA PRO A 238 3.46 10.44 19.41
C PRO A 238 4.87 10.29 18.84
N GLY A 239 5.21 11.05 17.80
CA GLY A 239 6.51 10.95 17.16
C GLY A 239 7.26 12.26 16.99
N TYR A 240 8.59 12.15 16.88
CA TYR A 240 9.46 13.33 16.74
C TYR A 240 10.44 13.24 15.56
N SER A 241 10.87 14.41 15.10
CA SER A 241 11.81 14.56 14.00
C SER A 241 12.85 15.66 14.20
N VAL A 242 13.88 15.64 13.38
CA VAL A 242 14.93 16.67 13.45
C VAL A 242 15.03 17.35 12.09
N PRO A 243 15.60 18.57 12.06
CA PRO A 243 15.86 19.20 10.77
C PRO A 243 16.82 18.35 9.94
N ALA A 244 16.59 18.33 8.62
CA ALA A 244 17.40 17.49 7.75
C ALA A 244 17.43 18.08 6.36
N ALA A 245 18.55 17.87 5.68
CA ALA A 245 18.71 18.28 4.30
C ALA A 245 18.33 17.15 3.35
N GLU A 246 17.87 17.53 2.16
CA GLU A 246 17.66 16.61 1.07
C GLU A 246 18.61 16.97 -0.06
N HIS A 247 18.62 16.14 -1.10
CA HIS A 247 19.50 16.39 -2.23
C HIS A 247 19.18 17.73 -2.89
N SER A 248 17.93 18.16 -2.85
CA SER A 248 17.55 19.40 -3.51
C SER A 248 18.15 20.62 -2.81
N THR A 249 18.18 20.61 -1.47
CA THR A 249 18.72 21.76 -0.76
C THR A 249 20.25 21.81 -0.82
N ILE A 250 20.90 20.67 -1.07
CA ILE A 250 22.36 20.68 -1.24
C ILE A 250 22.73 21.00 -2.67
N THR A 251 22.17 20.26 -3.63
CA THR A 251 22.53 20.44 -5.03
C THR A 251 22.14 21.82 -5.56
N ALA A 252 21.19 22.49 -4.91
CA ALA A 252 20.80 23.83 -5.36
C ALA A 252 21.93 24.83 -5.26
N TRP A 253 22.93 24.56 -4.41
CA TRP A 253 24.07 25.46 -4.29
C TRP A 253 25.06 25.32 -5.44
N GLY A 254 25.02 24.19 -6.13
CA GLY A 254 25.94 24.01 -7.22
C GLY A 254 26.99 22.96 -6.90
N LYS A 255 27.50 22.33 -7.96
CA LYS A 255 28.54 21.32 -7.86
C LYS A 255 29.67 21.75 -6.94
N ASP A 256 30.29 22.89 -7.22
CA ASP A 256 31.49 23.34 -6.55
C ASP A 256 31.20 24.01 -5.21
N HIS A 257 29.96 24.01 -4.73
CA HIS A 257 29.62 24.72 -3.51
C HIS A 257 28.96 23.79 -2.48
N GLU A 258 29.22 22.49 -2.54
CA GLU A 258 28.69 21.58 -1.53
C GLU A 258 29.15 21.98 -0.14
N LYS A 259 30.40 22.43 -0.01
CA LYS A 259 30.91 22.89 1.28
C LYS A 259 30.11 24.08 1.79
N ASP A 260 29.73 24.98 0.89
CA ASP A 260 28.94 26.14 1.29
C ASP A 260 27.57 25.71 1.79
N ALA A 261 26.95 24.74 1.13
CA ALA A 261 25.64 24.25 1.58
C ALA A 261 25.76 23.58 2.95
N PHE A 262 26.76 22.73 3.12
CA PHE A 262 27.01 22.08 4.41
C PHE A 262 27.15 23.11 5.52
N GLU A 263 28.02 24.11 5.30
CA GLU A 263 28.28 25.11 6.33
C GLU A 263 27.03 25.93 6.64
N HIS A 264 26.28 26.30 5.60
CA HIS A 264 25.06 27.08 5.81
C HIS A 264 24.04 26.31 6.65
N ILE A 265 23.93 25.00 6.41
CA ILE A 265 22.87 24.23 7.05
C ILE A 265 23.20 23.94 8.51
N VAL A 266 24.43 23.53 8.80
CA VAL A 266 24.79 23.24 10.19
C VAL A 266 24.81 24.51 11.04
N THR A 267 24.96 25.68 10.42
CA THR A 267 24.93 26.92 11.16
C THR A 267 23.50 27.40 11.40
N GLN A 268 22.61 27.19 10.41
CA GLN A 268 21.20 27.51 10.61
C GLN A 268 20.60 26.66 11.73
N PHE A 269 21.10 25.43 11.89
CA PHE A 269 20.59 24.54 12.92
C PHE A 269 21.70 24.20 13.90
N SER A 270 22.27 25.26 14.50
CA SER A 270 23.35 25.11 15.46
C SER A 270 22.89 24.46 16.77
N SER A 271 21.61 24.49 17.07
CA SER A 271 21.10 24.24 18.42
C SER A 271 20.31 22.96 18.55
N VAL A 272 20.05 22.25 17.45
CA VAL A 272 19.34 20.97 17.48
C VAL A 272 20.08 19.99 16.60
N PRO A 273 19.78 18.70 16.73
CA PRO A 273 20.37 17.73 15.80
C PRO A 273 19.97 18.07 14.37
N VAL A 274 20.91 17.88 13.45
CA VAL A 274 20.66 18.13 12.04
C VAL A 274 21.25 16.98 11.23
N SER A 275 20.43 16.39 10.37
CA SER A 275 20.86 15.33 9.47
C SER A 275 21.16 15.94 8.11
N VAL A 276 22.32 15.61 7.54
CA VAL A 276 22.77 16.19 6.29
C VAL A 276 23.16 15.05 5.35
N VAL A 277 22.42 14.91 4.26
CA VAL A 277 22.74 13.88 3.28
C VAL A 277 24.06 14.33 2.69
N SER A 278 25.01 13.41 2.59
CA SER A 278 26.33 13.76 2.11
C SER A 278 26.85 13.03 0.89
N ASP A 279 25.97 12.35 0.19
CA ASP A 279 26.34 11.57 -0.97
C ASP A 279 25.94 12.17 -2.31
N SER A 280 25.74 13.48 -2.35
CA SER A 280 25.30 14.11 -3.59
C SER A 280 26.30 13.88 -4.71
N TYR A 281 27.58 14.02 -4.41
CA TYR A 281 28.60 13.81 -5.42
C TYR A 281 29.57 12.70 -5.04
N ASP A 282 30.21 12.84 -3.89
CA ASP A 282 31.14 11.83 -3.39
C ASP A 282 30.98 11.75 -1.88
N ILE A 283 30.39 10.68 -1.38
CA ILE A 283 30.18 10.54 0.06
C ILE A 283 31.49 10.46 0.85
N TYR A 284 32.44 9.70 0.33
CA TYR A 284 33.73 9.52 0.97
C TYR A 284 34.52 10.83 1.05
N ASN A 285 34.46 11.61 -0.02
CA ASN A 285 35.10 12.91 -0.05
C ASN A 285 34.47 13.85 0.96
N ALA A 286 33.15 13.80 1.06
CA ALA A 286 32.44 14.72 1.95
C ALA A 286 32.83 14.51 3.41
N CYS A 287 32.96 13.25 3.82
CA CYS A 287 33.27 12.97 5.22
C CYS A 287 34.76 13.18 5.51
N GLU A 288 35.63 12.82 4.57
CA GLU A 288 37.07 12.91 4.83
C GLU A 288 37.56 14.35 4.70
N LYS A 289 37.16 15.05 3.63
CA LYS A 289 37.69 16.36 3.33
C LYS A 289 36.79 17.50 3.80
N ILE A 290 35.48 17.41 3.56
CA ILE A 290 34.60 18.53 3.91
C ILE A 290 34.26 18.51 5.38
N TRP A 291 33.56 17.46 5.84
CA TRP A 291 33.25 17.34 7.26
C TRP A 291 34.52 17.16 8.08
N GLY A 292 35.47 16.38 7.56
CA GLY A 292 36.65 16.00 8.31
C GLY A 292 37.81 16.96 8.29
N GLU A 293 37.77 17.99 7.43
CA GLU A 293 38.86 18.94 7.36
C GLU A 293 38.35 20.38 7.21
N ASP A 294 37.64 20.67 6.12
CA ASP A 294 37.17 22.03 5.88
C ASP A 294 36.28 22.52 7.02
N LEU A 295 35.24 21.76 7.34
CA LEU A 295 34.22 22.18 8.29
C LEU A 295 34.35 21.49 9.64
N ARG A 296 35.48 20.81 9.90
CA ARG A 296 35.64 20.08 11.15
C ARG A 296 35.49 21.00 12.36
N HIS A 297 35.81 22.29 12.22
CA HIS A 297 35.71 23.20 13.35
C HIS A 297 34.26 23.50 13.71
N LEU A 298 33.35 23.43 12.74
CA LEU A 298 31.93 23.60 13.01
C LEU A 298 31.29 22.35 13.59
N ILE A 299 31.98 21.21 13.54
CA ILE A 299 31.43 19.94 14.00
C ILE A 299 31.79 19.73 15.47
N VAL A 300 33.09 19.76 15.78
CA VAL A 300 33.57 19.45 17.12
C VAL A 300 33.09 20.46 18.16
N SER A 301 32.56 21.60 17.72
CA SER A 301 32.07 22.59 18.68
C SER A 301 30.62 22.31 19.06
N ARG A 302 29.99 21.38 18.35
CA ARG A 302 28.60 21.04 18.59
C ARG A 302 28.31 20.32 19.90
N SER A 303 27.15 20.62 20.45
CA SER A 303 26.69 20.02 21.70
C SER A 303 26.29 18.56 21.53
N THR A 304 26.37 17.80 22.60
CA THR A 304 25.99 16.38 22.62
C THR A 304 24.50 16.22 22.29
N GLN A 305 23.70 17.15 22.81
CA GLN A 305 22.27 17.24 22.57
C GLN A 305 21.92 17.56 21.10
N ALA A 306 22.82 18.23 20.39
CA ALA A 306 22.58 18.58 18.99
C ALA A 306 23.74 18.19 18.06
N PRO A 307 23.95 16.89 17.85
CA PRO A 307 25.01 16.34 17.01
C PRO A 307 24.75 16.48 15.51
N LEU A 308 25.81 16.33 14.72
CA LEU A 308 25.67 16.34 13.29
C LEU A 308 25.48 14.89 12.91
N ILE A 309 24.45 14.60 12.12
CA ILE A 309 24.19 13.24 11.72
C ILE A 309 24.48 13.14 10.24
N ILE A 310 25.55 12.44 9.90
CA ILE A 310 25.93 12.29 8.50
C ILE A 310 25.07 11.22 7.87
N ARG A 311 24.50 11.53 6.73
CA ARG A 311 23.63 10.58 6.05
C ARG A 311 24.10 10.19 4.67
N PRO A 312 24.49 8.91 4.51
CA PRO A 312 24.87 8.36 3.21
C PRO A 312 23.60 7.81 2.60
N ASP A 313 23.34 8.12 1.33
CA ASP A 313 22.13 7.67 0.67
C ASP A 313 22.30 6.74 -0.53
N SER A 314 23.50 6.18 -0.71
CA SER A 314 23.74 5.32 -1.87
C SER A 314 24.85 4.29 -1.69
N GLY A 315 24.91 3.34 -2.61
CA GLY A 315 25.90 2.29 -2.58
C GLY A 315 25.43 1.11 -1.75
N ASN A 316 26.30 0.12 -1.57
CA ASN A 316 25.93 -1.02 -0.75
C ASN A 316 25.73 -0.50 0.66
N PRO A 317 24.62 -0.87 1.30
CA PRO A 317 24.34 -0.32 2.64
C PRO A 317 25.38 -0.68 3.69
N LEU A 318 25.82 -1.95 3.73
CA LEU A 318 26.80 -2.33 4.73
C LEU A 318 28.18 -1.75 4.42
N ASP A 319 28.62 -1.87 3.17
CA ASP A 319 29.96 -1.40 2.81
C ASP A 319 30.08 0.11 2.97
N THR A 320 29.03 0.85 2.62
CA THR A 320 29.08 2.31 2.76
C THR A 320 29.17 2.71 4.23
N VAL A 321 28.36 2.08 5.09
CA VAL A 321 28.36 2.42 6.51
C VAL A 321 29.73 2.14 7.12
N LEU A 322 30.36 1.02 6.73
CA LEU A 322 31.65 0.66 7.31
C LEU A 322 32.75 1.62 6.86
N LYS A 323 32.78 1.93 5.56
CA LYS A 323 33.80 2.84 5.05
C LYS A 323 33.59 4.26 5.60
N VAL A 324 32.33 4.68 5.74
CA VAL A 324 32.04 5.98 6.33
C VAL A 324 32.58 6.04 7.76
N LEU A 325 32.33 4.98 8.53
CA LEU A 325 32.80 4.95 9.92
C LEU A 325 34.31 4.89 9.99
N GLU A 326 34.95 4.14 9.09
CA GLU A 326 36.40 4.10 9.04
C GLU A 326 36.98 5.48 8.73
N ILE A 327 36.33 6.20 7.81
CA ILE A 327 36.79 7.55 7.47
C ILE A 327 36.65 8.48 8.67
N LEU A 328 35.46 8.49 9.29
CA LEU A 328 35.22 9.39 10.41
C LEU A 328 36.09 9.04 11.61
N GLY A 329 36.40 7.76 11.81
CA GLY A 329 37.24 7.38 12.93
C GLY A 329 38.65 7.91 12.85
N LYS A 330 39.12 8.18 11.62
CA LYS A 330 40.47 8.69 11.42
C LYS A 330 40.54 10.21 11.40
N LYS A 331 39.41 10.90 11.22
CA LYS A 331 39.38 12.35 11.28
C LYS A 331 38.89 12.89 12.60
N PHE A 332 38.32 12.06 13.45
CA PHE A 332 37.68 12.48 14.69
C PHE A 332 38.14 11.59 15.84
N PRO A 333 38.07 12.11 17.08
CA PRO A 333 38.56 11.34 18.24
C PRO A 333 37.58 10.25 18.66
N VAL A 334 37.98 9.00 18.46
CA VAL A 334 37.14 7.86 18.80
C VAL A 334 37.54 7.32 20.17
N THR A 335 36.55 6.92 20.95
CA THR A 335 36.76 6.28 22.23
C THR A 335 36.33 4.82 22.16
N GLU A 336 36.79 4.04 23.14
CA GLU A 336 36.39 2.64 23.30
C GLU A 336 35.50 2.55 24.52
N ASN A 337 34.26 2.08 24.32
CA ASN A 337 33.33 2.02 25.44
C ASN A 337 33.65 0.82 26.32
N SER A 338 32.85 0.65 27.38
CA SER A 338 33.15 -0.36 28.39
C SER A 338 32.99 -1.77 27.86
N LYS A 339 32.32 -1.97 26.74
CA LYS A 339 32.21 -3.29 26.13
C LYS A 339 33.31 -3.56 25.11
N GLY A 340 34.21 -2.61 24.89
CA GLY A 340 35.28 -2.77 23.92
C GLY A 340 34.95 -2.30 22.53
N TYR A 341 33.85 -1.59 22.34
CA TYR A 341 33.40 -1.17 21.01
C TYR A 341 33.66 0.31 20.79
N LYS A 342 33.98 0.66 19.56
CA LYS A 342 34.38 2.02 19.23
C LYS A 342 33.17 2.94 19.13
N LEU A 343 33.39 4.20 19.50
CA LEU A 343 32.30 5.17 19.66
C LEU A 343 32.78 6.53 19.15
N LEU A 344 32.03 7.09 18.20
CA LEU A 344 32.32 8.44 17.74
C LEU A 344 32.12 9.44 18.88
N PRO A 345 32.73 10.62 18.78
CA PRO A 345 32.44 11.65 19.76
C PRO A 345 30.98 12.02 19.72
N PRO A 346 30.42 12.48 20.84
CA PRO A 346 28.95 12.63 20.94
C PRO A 346 28.35 13.67 20.00
N TYR A 347 29.16 14.50 19.34
CA TYR A 347 28.65 15.49 18.41
C TYR A 347 28.54 14.96 16.99
N LEU A 348 28.78 13.67 16.78
CA LEU A 348 28.86 13.11 15.43
C LEU A 348 28.19 11.74 15.42
N ARG A 349 27.16 11.59 14.59
CA ARG A 349 26.43 10.34 14.46
C ARG A 349 26.16 10.06 12.98
N VAL A 350 25.65 8.86 12.72
CA VAL A 350 25.42 8.36 11.37
C VAL A 350 23.99 7.85 11.27
N ILE A 351 23.36 8.06 10.13
CA ILE A 351 22.05 7.51 9.88
C ILE A 351 22.05 6.88 8.48
N GLN A 352 21.65 5.62 8.38
CA GLN A 352 21.58 4.96 7.09
C GLN A 352 20.11 4.88 6.73
N GLY A 353 19.70 5.68 5.75
CA GLY A 353 18.32 5.76 5.32
C GLY A 353 17.94 5.21 3.98
N ASP A 354 18.82 4.42 3.37
CA ASP A 354 18.57 3.86 2.05
C ASP A 354 18.76 2.35 2.01
N GLY A 355 17.83 1.64 1.40
CA GLY A 355 17.95 0.20 1.26
C GLY A 355 17.86 -0.56 2.56
N VAL A 356 17.13 0.00 3.52
CA VAL A 356 16.99 -0.64 4.81
C VAL A 356 15.64 -1.30 4.96
N ASP A 357 15.73 -2.58 5.27
CA ASP A 357 14.62 -3.46 5.55
C ASP A 357 15.06 -4.41 6.67
N ILE A 358 14.18 -5.30 7.10
CA ILE A 358 14.55 -6.18 8.20
C ILE A 358 15.78 -7.04 7.85
N ASN A 359 15.85 -7.56 6.64
CA ASN A 359 17.03 -8.35 6.27
C ASN A 359 18.34 -7.57 6.22
N THR A 360 18.31 -6.39 5.60
CA THR A 360 19.52 -5.56 5.50
C THR A 360 19.97 -4.99 6.84
N LEU A 361 19.01 -4.63 7.70
CA LEU A 361 19.30 -4.07 9.01
C LEU A 361 20.11 -5.06 9.83
N GLN A 362 19.72 -6.33 9.77
CA GLN A 362 20.42 -7.39 10.44
C GLN A 362 21.85 -7.51 9.88
N GLU A 363 22.02 -7.37 8.56
CA GLU A 363 23.34 -7.49 7.97
C GLU A 363 24.26 -6.35 8.41
N ILE A 364 23.70 -5.16 8.62
CA ILE A 364 24.53 -3.99 8.94
C ILE A 364 25.03 -4.08 10.37
N VAL A 365 24.13 -4.25 11.33
CA VAL A 365 24.54 -4.26 12.74
C VAL A 365 25.46 -5.44 13.03
N GLU A 366 25.27 -6.56 12.33
CA GLU A 366 26.19 -7.68 12.48
C GLU A 366 27.55 -7.35 11.90
N GLY A 367 27.58 -6.67 10.74
CA GLY A 367 28.84 -6.25 10.17
C GLY A 367 29.53 -5.18 11.00
N MET A 368 28.74 -4.29 11.60
CA MET A 368 29.31 -3.28 12.49
C MET A 368 29.92 -3.93 13.72
N LYS A 369 29.27 -4.96 14.27
CA LYS A 369 29.80 -5.65 15.44
C LYS A 369 31.11 -6.36 15.11
N GLN A 370 31.20 -6.96 13.92
CA GLN A 370 32.42 -7.66 13.55
C GLN A 370 33.60 -6.71 13.39
N LYS A 371 33.33 -5.45 13.03
CA LYS A 371 34.36 -4.42 12.94
C LYS A 371 34.48 -3.61 14.23
N MET A 372 33.85 -4.06 15.31
CA MET A 372 34.02 -3.48 16.65
C MET A 372 33.48 -2.05 16.72
N TRP A 373 32.39 -1.80 16.01
CA TRP A 373 31.71 -0.51 16.06
C TRP A 373 30.43 -0.65 16.88
N SER A 374 30.23 0.27 17.81
CA SER A 374 29.03 0.25 18.64
C SER A 374 27.81 0.65 17.82
N ILE A 375 26.67 0.04 18.14
CA ILE A 375 25.39 0.46 17.55
C ILE A 375 24.96 1.82 18.05
N GLU A 376 25.59 2.34 19.11
CA GLU A 376 25.37 3.71 19.55
C GLU A 376 25.66 4.70 18.44
N ASN A 377 26.58 4.37 17.53
CA ASN A 377 27.01 5.32 16.51
C ASN A 377 25.96 5.55 15.43
N ILE A 378 24.99 4.67 15.29
CA ILE A 378 24.18 4.62 14.09
C ILE A 378 22.69 4.60 14.43
N ALA A 379 21.90 5.20 13.55
CA ALA A 379 20.47 5.01 13.50
C ALA A 379 20.09 4.61 12.08
N PHE A 380 18.86 4.16 11.90
CA PHE A 380 18.43 3.68 10.60
C PHE A 380 17.14 4.36 10.19
N GLY A 381 17.01 4.60 8.89
CA GLY A 381 15.78 5.11 8.32
C GLY A 381 15.29 4.16 7.23
N SER A 382 13.99 3.90 7.23
CA SER A 382 13.41 3.01 6.24
C SER A 382 12.18 3.65 5.61
N GLY A 383 12.04 3.49 4.30
CA GLY A 383 10.90 4.05 3.61
C GLY A 383 9.96 2.97 3.11
N GLY A 384 10.26 2.44 1.93
CA GLY A 384 9.47 1.39 1.31
C GLY A 384 9.46 0.08 2.10
N GLY A 385 10.61 -0.29 2.65
CA GLY A 385 10.68 -1.51 3.41
C GLY A 385 9.81 -1.44 4.65
N LEU A 386 9.83 -0.30 5.34
CA LEU A 386 9.02 -0.10 6.53
C LEU A 386 7.51 -0.04 6.29
N LEU A 387 7.09 0.69 5.27
CA LEU A 387 5.65 0.84 5.03
C LEU A 387 5.03 0.27 3.76
N GLN A 388 5.80 0.12 2.68
CA GLN A 388 5.19 -0.38 1.45
C GLN A 388 5.44 -1.82 1.04
N LYS A 389 6.61 -2.37 1.33
CA LYS A 389 6.89 -3.74 0.91
C LYS A 389 6.39 -4.82 1.88
N LEU A 390 5.09 -4.86 2.09
CA LEU A 390 4.47 -5.82 2.98
C LEU A 390 3.16 -6.27 2.34
N THR A 391 2.78 -7.52 2.55
CA THR A 391 1.56 -8.07 2.00
C THR A 391 0.83 -8.91 3.03
N ARG A 392 -0.43 -9.18 2.74
CA ARG A 392 -1.25 -10.03 3.60
C ARG A 392 -0.69 -11.44 3.69
N ASP A 393 0.10 -11.84 2.71
CA ASP A 393 0.75 -13.14 2.68
C ASP A 393 1.79 -13.35 3.79
N LEU A 394 2.48 -12.28 4.17
CA LEU A 394 3.57 -12.39 5.11
C LEU A 394 3.18 -12.97 6.47
N LEU A 395 2.08 -12.55 7.05
CA LEU A 395 1.64 -13.11 8.32
C LEU A 395 0.43 -14.03 8.15
N ASN A 396 0.07 -14.31 6.90
CA ASN A 396 -1.07 -15.16 6.57
C ASN A 396 -2.37 -14.69 7.23
N CYS A 397 -2.61 -13.38 7.20
CA CYS A 397 -3.80 -12.83 7.80
C CYS A 397 -4.99 -13.40 7.01
N SER A 398 -6.00 -13.86 7.73
CA SER A 398 -7.13 -14.51 7.10
C SER A 398 -8.40 -14.31 7.92
N PHE A 399 -9.52 -14.18 7.21
CA PHE A 399 -10.82 -14.01 7.81
C PHE A 399 -11.65 -15.16 7.25
N LYS A 400 -12.17 -16.01 8.13
CA LYS A 400 -12.97 -17.16 7.71
C LYS A 400 -14.20 -17.39 8.58
N CYS A 401 -15.20 -18.06 8.04
CA CYS A 401 -16.41 -18.35 8.79
C CYS A 401 -16.22 -19.68 9.52
N SER A 402 -16.43 -19.67 10.83
CA SER A 402 -16.27 -20.88 11.63
C SER A 402 -17.56 -21.44 12.25
N TYR A 403 -18.62 -20.65 12.28
CA TYR A 403 -19.86 -21.11 12.88
C TYR A 403 -21.10 -20.46 12.26
N VAL A 404 -22.13 -21.26 12.03
CA VAL A 404 -23.39 -20.76 11.49
C VAL A 404 -24.54 -21.52 12.13
N VAL A 405 -25.68 -20.87 12.28
CA VAL A 405 -26.85 -21.54 12.84
C VAL A 405 -27.89 -21.60 11.73
N THR A 406 -28.32 -22.82 11.41
CA THR A 406 -29.31 -23.06 10.37
C THR A 406 -30.38 -23.99 10.91
N ASN A 407 -31.64 -23.58 10.79
CA ASN A 407 -32.78 -24.32 11.34
C ASN A 407 -32.68 -24.44 12.86
N GLY A 408 -32.10 -23.44 13.50
CA GLY A 408 -31.95 -23.42 14.94
C GLY A 408 -30.79 -24.23 15.48
N LEU A 409 -30.07 -24.95 14.63
CA LEU A 409 -28.97 -25.81 15.05
C LEU A 409 -27.66 -25.21 14.56
N GLY A 410 -26.76 -24.91 15.48
CA GLY A 410 -25.46 -24.39 15.11
C GLY A 410 -24.52 -25.52 14.69
N ILE A 411 -23.79 -25.28 13.61
CA ILE A 411 -22.86 -26.25 13.06
C ILE A 411 -21.48 -25.61 12.93
N ASN A 412 -20.44 -26.38 13.21
CA ASN A 412 -19.07 -25.92 13.03
C ASN A 412 -18.70 -26.04 11.56
N VAL A 413 -18.24 -24.93 10.98
CA VAL A 413 -17.89 -24.89 9.58
C VAL A 413 -16.42 -24.54 9.36
N PHE A 414 -15.84 -25.13 8.33
CA PHE A 414 -14.44 -24.93 8.01
C PHE A 414 -14.15 -25.31 6.57
N LYS A 415 -12.96 -24.94 6.11
CA LYS A 415 -12.49 -25.28 4.77
C LYS A 415 -11.23 -26.10 4.95
N ASP A 416 -11.10 -27.19 4.21
CA ASP A 416 -9.93 -28.05 4.29
C ASP A 416 -9.44 -28.43 2.89
N PRO A 417 -8.80 -27.51 2.18
CA PRO A 417 -8.38 -27.86 0.81
C PRO A 417 -7.40 -29.01 0.79
N VAL A 418 -7.58 -29.93 -0.15
CA VAL A 418 -6.68 -31.07 -0.26
C VAL A 418 -5.26 -30.66 -0.61
N ALA A 419 -5.13 -29.69 -1.50
CA ALA A 419 -3.82 -29.21 -1.92
C ALA A 419 -3.03 -28.55 -0.79
N ASP A 420 -3.70 -27.78 0.05
CA ASP A 420 -3.00 -27.10 1.13
C ASP A 420 -3.54 -27.28 2.55
N PRO A 421 -2.75 -27.92 3.42
CA PRO A 421 -3.00 -28.15 4.84
C PRO A 421 -3.03 -26.84 5.62
N ASN A 422 -2.17 -25.91 5.20
CA ASN A 422 -2.03 -24.58 5.79
C ASN A 422 -3.31 -23.75 5.71
N LYS A 423 -4.05 -23.92 4.62
CA LYS A 423 -5.32 -23.22 4.37
C LYS A 423 -6.50 -23.67 5.25
N ARG A 424 -6.36 -24.78 5.98
CA ARG A 424 -7.41 -25.28 6.84
C ARG A 424 -7.80 -24.23 7.88
N SER A 425 -9.09 -24.09 8.12
CA SER A 425 -9.63 -23.11 9.06
C SER A 425 -10.12 -23.70 10.37
N LYS A 426 -10.29 -22.85 11.39
CA LYS A 426 -10.74 -23.29 12.70
C LYS A 426 -12.25 -23.57 12.69
N LYS A 427 -12.70 -24.31 13.71
CA LYS A 427 -14.05 -24.85 13.75
C LYS A 427 -14.81 -24.29 14.96
N GLY A 428 -16.03 -23.82 14.71
CA GLY A 428 -16.96 -23.50 15.79
C GLY A 428 -16.72 -22.15 16.43
N ARG A 429 -17.38 -21.98 17.58
CA ARG A 429 -17.23 -20.77 18.37
C ARG A 429 -15.87 -20.77 19.06
N LEU A 430 -15.20 -19.62 19.04
CA LEU A 430 -13.80 -19.53 19.44
C LEU A 430 -13.62 -18.64 20.66
N SER A 431 -12.54 -18.89 21.38
CA SER A 431 -12.16 -18.10 22.54
C SER A 431 -10.65 -18.20 22.72
N LEU A 432 -10.07 -17.13 23.25
CA LEU A 432 -8.63 -17.05 23.46
C LEU A 432 -8.31 -17.07 24.94
N HIS A 433 -7.47 -18.01 25.36
CA HIS A 433 -7.14 -18.18 26.76
C HIS A 433 -5.66 -18.31 27.08
N ARG A 434 -5.32 -18.01 28.33
CA ARG A 434 -3.98 -18.14 28.83
C ARG A 434 -3.83 -19.57 29.27
N THR A 435 -2.72 -20.19 28.89
CA THR A 435 -2.42 -21.55 29.29
C THR A 435 -1.80 -21.55 30.69
N PRO A 436 -1.63 -22.73 31.31
CA PRO A 436 -1.03 -22.90 32.64
C PRO A 436 0.42 -22.41 32.66
N ALA A 437 1.14 -22.59 31.55
CA ALA A 437 2.53 -22.16 31.42
C ALA A 437 2.67 -20.68 30.99
N GLY A 438 1.56 -19.97 30.85
CA GLY A 438 1.57 -18.57 30.48
C GLY A 438 1.50 -18.27 29.00
N ASN A 439 1.38 -19.32 28.19
CA ASN A 439 1.25 -19.20 26.74
C ASN A 439 -0.21 -18.98 26.32
N PHE A 440 -0.45 -18.81 25.03
CA PHE A 440 -1.79 -18.57 24.53
C PHE A 440 -2.38 -19.78 23.81
N VAL A 441 -3.68 -20.00 23.97
CA VAL A 441 -4.38 -21.09 23.30
C VAL A 441 -5.75 -20.62 22.79
N THR A 442 -6.14 -21.09 21.62
CA THR A 442 -7.45 -20.76 21.06
C THR A 442 -8.30 -22.02 21.16
N LEU A 443 -9.43 -21.91 21.85
CA LEU A 443 -10.32 -23.05 22.05
C LEU A 443 -11.41 -23.05 20.98
N GLU A 444 -11.63 -24.20 20.36
CA GLU A 444 -12.58 -24.35 19.27
C GLU A 444 -13.82 -25.10 19.74
N GLU A 445 -14.89 -24.96 18.95
CA GLU A 445 -16.14 -25.70 19.15
C GLU A 445 -16.82 -25.31 20.46
N GLY A 446 -16.69 -24.05 20.83
CA GLY A 446 -17.34 -23.56 22.04
C GLY A 446 -16.79 -24.12 23.33
N LYS A 447 -15.68 -24.85 23.27
CA LYS A 447 -15.12 -25.49 24.47
C LYS A 447 -14.63 -24.50 25.50
N GLY A 448 -14.49 -23.22 25.16
CA GLY A 448 -14.19 -22.22 26.16
C GLY A 448 -15.29 -22.06 27.20
N ASP A 449 -16.48 -22.57 26.86
CA ASP A 449 -17.66 -22.54 27.72
C ASP A 449 -17.45 -23.36 28.98
N LEU A 450 -16.62 -24.41 28.88
CA LEU A 450 -16.29 -25.31 29.98
C LEU A 450 -15.57 -24.66 31.18
N GLU A 451 -14.89 -23.53 30.94
CA GLU A 451 -14.15 -22.75 31.92
C GLU A 451 -12.98 -23.47 32.56
N GLU A 452 -12.33 -24.33 31.79
CA GLU A 452 -11.14 -25.02 32.27
C GLU A 452 -9.90 -24.20 31.96
N TYR A 453 -10.05 -23.18 31.13
CA TYR A 453 -8.94 -22.33 30.70
C TYR A 453 -8.93 -20.88 31.14
N GLY A 454 -9.74 -20.51 32.13
CA GLY A 454 -9.74 -19.14 32.56
C GLY A 454 -10.63 -18.27 31.68
N GLN A 455 -10.60 -16.97 31.93
CA GLN A 455 -11.42 -16.05 31.16
C GLN A 455 -10.98 -15.78 29.72
N ASP A 456 -11.97 -15.66 28.85
CA ASP A 456 -11.74 -15.30 27.46
C ASP A 456 -11.08 -13.93 27.37
N LEU A 457 -9.97 -13.85 26.64
CA LEU A 457 -9.24 -12.60 26.51
C LEU A 457 -9.82 -11.68 25.44
N LEU A 458 -10.75 -12.16 24.63
CA LEU A 458 -11.45 -11.31 23.68
C LEU A 458 -12.51 -10.50 24.39
N HIS A 459 -12.53 -9.19 24.15
CA HIS A 459 -13.53 -8.29 24.70
C HIS A 459 -14.39 -7.73 23.59
N THR A 460 -15.68 -7.51 23.90
CA THR A 460 -16.56 -6.84 22.96
C THR A 460 -16.08 -5.42 22.74
N VAL A 461 -15.62 -5.11 21.53
CA VAL A 461 -15.20 -3.76 21.18
C VAL A 461 -16.20 -3.03 20.31
N PHE A 462 -17.18 -3.74 19.74
CA PHE A 462 -18.17 -3.13 18.86
C PHE A 462 -19.46 -3.93 18.98
N LYS A 463 -20.57 -3.24 19.20
CA LYS A 463 -21.87 -3.90 19.26
C LYS A 463 -22.94 -2.92 18.80
N ASN A 464 -23.69 -3.33 17.78
CA ASN A 464 -24.90 -2.62 17.34
C ASN A 464 -24.63 -1.14 17.08
N GLY A 465 -23.52 -0.86 16.40
CA GLY A 465 -23.20 0.48 15.95
C GLY A 465 -22.41 1.34 16.90
N LYS A 466 -22.06 0.83 18.08
CA LYS A 466 -21.35 1.60 19.09
C LYS A 466 -20.02 0.93 19.43
N VAL A 467 -18.97 1.73 19.54
CA VAL A 467 -17.68 1.25 20.03
C VAL A 467 -17.77 1.13 21.55
N THR A 468 -17.66 -0.11 22.06
CA THR A 468 -17.95 -0.38 23.45
C THR A 468 -16.72 -0.44 24.34
N LYS A 469 -15.53 -0.64 23.76
CA LYS A 469 -14.29 -0.57 24.52
C LYS A 469 -13.20 -0.04 23.60
N SER A 470 -12.42 0.91 24.11
CA SER A 470 -11.34 1.53 23.35
C SER A 470 -10.07 1.57 24.20
N TYR A 471 -8.95 1.76 23.52
CA TYR A 471 -7.65 1.77 24.15
C TYR A 471 -6.87 3.01 23.72
N SER A 472 -6.15 3.60 24.67
CA SER A 472 -5.27 4.71 24.34
C SER A 472 -4.01 4.19 23.66
N PHE A 473 -3.39 5.05 22.85
CA PHE A 473 -2.11 4.69 22.25
C PHE A 473 -1.04 4.45 23.31
N ASP A 474 -1.24 4.97 24.53
CA ASP A 474 -0.31 4.71 25.61
C ASP A 474 -0.40 3.26 26.08
N GLU A 475 -1.62 2.73 26.22
CA GLU A 475 -1.78 1.33 26.59
C GLU A 475 -1.23 0.41 25.51
N ILE A 476 -1.46 0.75 24.25
CA ILE A 476 -0.99 -0.07 23.14
C ILE A 476 0.53 -0.18 23.16
N ARG A 477 1.22 0.95 23.39
CA ARG A 477 2.68 0.92 23.47
C ARG A 477 3.15 0.05 24.63
N LYS A 478 2.50 0.16 25.78
CA LYS A 478 2.86 -0.68 26.92
C LYS A 478 2.64 -2.15 26.61
N ASN A 479 1.53 -2.48 25.95
CA ASN A 479 1.23 -3.87 25.63
C ASN A 479 2.25 -4.46 24.67
N ALA A 480 2.78 -3.64 23.77
CA ALA A 480 3.69 -4.13 22.74
C ALA A 480 5.18 -4.11 23.09
N GLN A 481 5.50 -3.91 24.36
CA GLN A 481 6.88 -3.86 24.78
C GLN A 481 7.62 -5.18 24.56
N LEU A 482 8.90 -5.07 24.27
CA LEU A 482 9.73 -6.25 24.07
C LEU A 482 10.03 -6.87 25.43
N ASN A 483 10.30 -8.17 25.44
CA ASN A 483 10.63 -8.87 26.68
C ASN A 483 11.90 -8.32 27.31
N ILE A 484 12.88 -7.99 26.46
CA ILE A 484 14.15 -7.43 26.89
C ILE A 484 13.92 -6.11 27.62
N GLU A 485 13.01 -5.28 27.12
CA GLU A 485 12.65 -4.03 27.75
C GLU A 485 12.03 -4.24 29.14
N LEU A 486 11.18 -5.25 29.29
CA LEU A 486 10.54 -5.50 30.57
C LEU A 486 11.53 -5.84 31.69
N GLU A 487 12.49 -6.70 31.41
CA GLU A 487 13.50 -7.07 32.40
C GLU A 487 14.39 -5.89 32.79
N ALA A 488 14.74 -5.08 31.80
CA ALA A 488 15.56 -3.91 32.04
C ALA A 488 14.83 -2.93 32.94
N PHE B 9 -8.58 17.66 5.39
CA PHE B 9 -7.20 17.47 4.96
C PHE B 9 -6.44 18.79 5.01
N ASN B 10 -5.26 18.75 5.58
CA ASN B 10 -4.45 19.92 5.64
C ASN B 10 -3.16 19.67 4.90
N ILE B 11 -2.94 20.43 3.83
CA ILE B 11 -1.76 20.33 2.98
C ILE B 11 -0.45 20.71 3.67
N LEU B 12 -0.53 21.54 4.69
CA LEU B 12 0.60 21.94 5.52
C LEU B 12 1.18 20.73 6.28
N LEU B 13 0.32 19.78 6.65
CA LEU B 13 0.68 18.56 7.35
C LEU B 13 0.81 17.35 6.42
N ALA B 14 0.88 17.57 5.12
CA ALA B 14 0.97 16.47 4.15
C ALA B 14 2.31 16.33 3.44
N THR B 15 3.39 16.59 4.16
CA THR B 15 4.73 16.50 3.61
C THR B 15 5.69 15.80 4.59
N ASP B 16 6.86 15.40 4.12
CA ASP B 16 7.87 14.81 4.98
C ASP B 16 8.29 15.87 6.01
N SER B 17 8.54 15.44 7.23
CA SER B 17 8.76 16.38 8.33
C SER B 17 9.88 17.37 8.01
N TYR B 18 11.00 16.88 7.49
CA TYR B 18 12.17 17.72 7.32
C TYR B 18 11.99 18.79 6.24
N LYS B 19 10.99 18.66 5.37
CA LYS B 19 10.74 19.70 4.39
C LYS B 19 10.18 20.97 5.03
N VAL B 20 9.70 20.89 6.27
CA VAL B 20 9.29 22.07 7.00
C VAL B 20 10.49 23.00 7.22
N THR B 21 11.69 22.45 7.30
CA THR B 21 12.89 23.19 7.59
C THR B 21 13.69 23.60 6.35
N HIS B 22 13.21 23.26 5.15
CA HIS B 22 14.01 23.44 3.94
C HIS B 22 14.05 24.89 3.47
N TYR B 23 13.06 25.71 3.81
CA TYR B 23 13.11 27.11 3.40
C TYR B 23 14.32 27.83 3.97
N LYS B 24 14.89 27.34 5.07
CA LYS B 24 16.10 27.90 5.65
C LYS B 24 17.37 27.32 5.05
N GLN B 25 17.27 26.46 4.04
CA GLN B 25 18.43 25.73 3.55
C GLN B 25 18.88 26.10 2.14
N TYR B 26 18.03 26.77 1.37
CA TYR B 26 18.41 27.16 0.02
C TYR B 26 19.38 28.32 0.07
N PRO B 27 20.14 28.55 -1.01
CA PRO B 27 20.97 29.75 -1.07
C PRO B 27 20.12 30.99 -0.96
N PRO B 28 20.60 32.01 -0.24
CA PRO B 28 19.86 33.28 -0.20
C PRO B 28 19.63 33.83 -1.60
N ASN B 29 18.49 34.51 -1.75
CA ASN B 29 18.08 35.14 -3.01
C ASN B 29 17.81 34.11 -4.10
N THR B 30 17.19 32.99 -3.72
CA THR B 30 16.72 32.00 -4.68
C THR B 30 15.27 32.31 -5.03
N SER B 31 15.00 32.54 -6.31
CA SER B 31 13.68 32.95 -6.76
C SER B 31 12.90 31.84 -7.45
N LYS B 32 13.57 30.77 -7.88
CA LYS B 32 12.92 29.73 -8.66
C LYS B 32 13.49 28.38 -8.29
N VAL B 33 12.61 27.42 -8.01
CA VAL B 33 12.99 26.03 -7.82
C VAL B 33 12.19 25.18 -8.79
N TYR B 34 12.89 24.42 -9.63
CA TYR B 34 12.30 23.69 -10.75
C TYR B 34 12.70 22.24 -10.62
N SER B 35 11.71 21.35 -10.51
CA SER B 35 11.95 19.93 -10.29
C SER B 35 11.08 19.10 -11.22
N TYR B 36 11.54 17.88 -11.48
CA TYR B 36 10.91 16.99 -12.46
C TYR B 36 10.74 15.60 -11.86
N PHE B 37 9.90 14.81 -12.52
CA PHE B 37 9.61 13.43 -12.13
C PHE B 37 9.94 12.51 -13.29
N GLU B 38 10.57 11.37 -12.98
CA GLU B 38 10.91 10.41 -14.02
C GLU B 38 10.94 9.01 -13.42
N CYS B 39 10.85 8.02 -14.31
CA CYS B 39 11.03 6.60 -14.00
C CYS B 39 12.41 6.22 -14.53
N ARG B 40 13.42 6.31 -13.67
CA ARG B 40 14.80 6.20 -14.13
C ARG B 40 15.08 4.86 -14.80
N GLU B 41 16.04 4.88 -15.74
CA GLU B 41 16.59 3.64 -16.27
C GLU B 41 17.43 2.95 -15.22
N VAL B 52 10.46 -9.64 -17.76
CA VAL B 52 9.80 -8.33 -17.80
C VAL B 52 10.74 -7.24 -17.29
N LYS B 53 11.23 -6.42 -18.21
CA LYS B 53 12.13 -5.35 -17.86
C LYS B 53 11.45 -4.00 -17.61
N TYR B 54 10.15 -3.92 -17.83
CA TYR B 54 9.38 -2.69 -17.65
C TYR B 54 9.99 -1.48 -18.39
N GLU B 55 10.28 -1.67 -19.67
CA GLU B 55 10.89 -0.63 -20.50
C GLU B 55 10.07 0.63 -20.80
N GLU B 56 8.78 0.59 -20.54
CA GLU B 56 7.91 1.74 -20.78
C GLU B 56 6.83 1.77 -19.71
N THR B 57 6.42 2.98 -19.34
CA THR B 57 5.47 3.17 -18.25
C THR B 57 4.23 3.90 -18.72
N VAL B 58 3.08 3.52 -18.15
CA VAL B 58 1.83 4.26 -18.36
C VAL B 58 1.80 5.41 -17.36
N PHE B 59 1.68 6.63 -17.87
CA PHE B 59 1.53 7.80 -17.01
C PHE B 59 0.06 7.97 -16.67
N TYR B 60 -0.28 7.75 -15.40
CA TYR B 60 -1.65 7.87 -14.94
C TYR B 60 -1.66 8.18 -13.45
N GLY B 61 -2.57 9.05 -13.04
CA GLY B 61 -2.80 9.27 -11.63
C GLY B 61 -2.67 10.70 -11.14
N LEU B 62 -1.95 11.53 -11.89
CA LEU B 62 -1.68 12.89 -11.45
C LEU B 62 -2.96 13.70 -11.33
N GLN B 63 -3.90 13.51 -12.26
CA GLN B 63 -5.13 14.30 -12.26
C GLN B 63 -5.94 14.08 -10.99
N TYR B 64 -5.94 12.86 -10.47
CA TYR B 64 -6.58 12.59 -9.18
C TYR B 64 -5.97 13.46 -8.09
N ILE B 65 -4.65 13.55 -8.05
CA ILE B 65 -3.96 14.27 -6.99
C ILE B 65 -4.17 15.78 -7.14
N LEU B 66 -4.10 16.29 -8.37
CA LEU B 66 -4.32 17.72 -8.60
C LEU B 66 -5.67 18.16 -8.08
N ASN B 67 -6.71 17.37 -8.32
CA ASN B 67 -8.07 17.75 -7.96
C ASN B 67 -8.35 17.53 -6.47
N LYS B 68 -7.94 16.38 -5.93
CA LYS B 68 -8.29 16.06 -4.56
C LYS B 68 -7.51 16.88 -3.55
N TYR B 69 -6.23 17.17 -3.85
CA TYR B 69 -5.34 17.69 -2.82
C TYR B 69 -4.76 19.07 -3.11
N LEU B 70 -4.57 19.45 -4.37
CA LEU B 70 -3.80 20.64 -4.69
C LEU B 70 -4.62 21.83 -5.18
N LYS B 71 -5.79 21.60 -5.78
CA LYS B 71 -6.48 22.70 -6.43
C LYS B 71 -7.32 23.50 -5.45
N GLY B 72 -7.60 24.75 -5.82
CA GLY B 72 -8.48 25.59 -5.05
C GLY B 72 -7.79 26.26 -3.87
N LYS B 73 -8.61 26.67 -2.90
CA LYS B 73 -8.11 27.30 -1.68
C LYS B 73 -7.71 26.20 -0.70
N VAL B 74 -6.40 25.92 -0.64
CA VAL B 74 -5.88 24.86 0.22
C VAL B 74 -5.27 25.39 1.50
N VAL B 75 -5.09 26.70 1.62
CA VAL B 75 -4.53 27.33 2.81
C VAL B 75 -5.62 28.16 3.47
N THR B 76 -5.77 28.01 4.78
CA THR B 76 -6.67 28.83 5.59
C THR B 76 -5.94 29.23 6.85
N LYS B 77 -6.52 30.19 7.57
CA LYS B 77 -5.92 30.64 8.83
C LYS B 77 -5.95 29.52 9.88
N GLU B 78 -7.01 28.74 9.89
CA GLU B 78 -7.10 27.61 10.81
C GLU B 78 -6.04 26.57 10.49
N LYS B 79 -5.82 26.28 9.21
CA LYS B 79 -4.84 25.26 8.85
C LYS B 79 -3.42 25.73 9.11
N ILE B 80 -3.17 27.04 9.03
CA ILE B 80 -1.85 27.55 9.39
C ILE B 80 -1.60 27.40 10.88
N GLN B 81 -2.59 27.74 11.70
CA GLN B 81 -2.45 27.61 13.15
C GLN B 81 -2.35 26.15 13.56
N GLU B 82 -3.10 25.26 12.91
CA GLU B 82 -3.05 23.85 13.20
C GLU B 82 -1.64 23.28 12.95
N ALA B 83 -1.06 23.63 11.81
CA ALA B 83 0.28 23.15 11.48
C ALA B 83 1.32 23.72 12.45
N LYS B 84 1.21 25.01 12.79
CA LYS B 84 2.11 25.63 13.74
C LYS B 84 2.15 24.86 15.05
N ASP B 85 0.97 24.47 15.56
CA ASP B 85 0.90 23.82 16.85
C ASP B 85 1.51 22.42 16.82
N VAL B 86 1.19 21.63 15.79
CA VAL B 86 1.73 20.28 15.69
C VAL B 86 3.24 20.32 15.54
N TYR B 87 3.74 21.15 14.61
CA TYR B 87 5.17 21.19 14.34
C TYR B 87 5.95 21.73 15.53
N LYS B 88 5.33 22.57 16.37
CA LYS B 88 5.98 23.03 17.59
C LYS B 88 6.38 21.85 18.48
N GLU B 89 5.46 20.89 18.64
CA GLU B 89 5.75 19.73 19.48
C GLU B 89 6.55 18.68 18.73
N HIS B 90 6.21 18.44 17.45
CA HIS B 90 6.91 17.43 16.66
C HIS B 90 8.40 17.69 16.62
N PHE B 91 8.80 18.95 16.51
CA PHE B 91 10.21 19.33 16.46
C PHE B 91 10.76 19.76 17.81
N GLN B 92 9.90 19.95 18.81
CA GLN B 92 10.29 20.54 20.10
C GLN B 92 10.99 21.88 19.87
N ASP B 93 10.49 22.63 18.89
CA ASP B 93 11.01 23.93 18.50
C ASP B 93 10.07 24.52 17.45
N ASP B 94 10.19 25.83 17.23
CA ASP B 94 9.32 26.58 16.33
C ASP B 94 10.10 26.88 15.04
N VAL B 95 10.03 25.95 14.09
CA VAL B 95 10.71 26.10 12.81
C VAL B 95 9.74 26.29 11.66
N PHE B 96 8.44 26.20 11.90
CA PHE B 96 7.44 26.27 10.85
C PHE B 96 7.43 27.64 10.17
N ASN B 97 7.30 27.64 8.85
CA ASN B 97 7.35 28.86 8.05
C ASN B 97 5.95 29.48 7.99
N GLU B 98 5.57 30.11 9.10
CA GLU B 98 4.25 30.72 9.20
C GLU B 98 4.13 31.93 8.28
N LYS B 99 5.21 32.68 8.09
CA LYS B 99 5.18 33.85 7.22
C LYS B 99 4.91 33.45 5.78
N GLY B 100 5.65 32.46 5.27
CA GLY B 100 5.49 32.07 3.88
C GLY B 100 4.10 31.55 3.56
N TRP B 101 3.52 30.79 4.48
CA TRP B 101 2.17 30.28 4.25
C TRP B 101 1.13 31.37 4.41
N ASN B 102 1.38 32.35 5.27
CA ASN B 102 0.48 33.50 5.37
C ASN B 102 0.53 34.36 4.11
N TYR B 103 1.69 34.44 3.47
CA TYR B 103 1.81 35.17 2.22
C TYR B 103 0.91 34.58 1.14
N ILE B 104 0.90 33.25 1.03
CA ILE B 104 0.06 32.59 0.03
C ILE B 104 -1.41 32.80 0.34
N LEU B 105 -1.78 32.77 1.62
CA LEU B 105 -3.16 33.01 2.00
C LEU B 105 -3.61 34.41 1.59
N GLU B 106 -2.78 35.42 1.86
CA GLU B 106 -3.20 36.81 1.65
C GLU B 106 -3.12 37.23 0.19
N LYS B 107 -2.08 36.80 -0.52
CA LYS B 107 -1.89 37.28 -1.88
C LYS B 107 -2.65 36.45 -2.92
N TYR B 108 -2.89 35.17 -2.66
CA TYR B 108 -3.53 34.31 -3.64
C TYR B 108 -4.79 33.62 -3.12
N ASP B 109 -5.33 34.06 -1.98
CA ASP B 109 -6.53 33.47 -1.40
C ASP B 109 -6.37 31.95 -1.22
N GLY B 110 -5.20 31.56 -0.72
CA GLY B 110 -4.92 30.17 -0.43
C GLY B 110 -4.65 29.28 -1.63
N HIS B 111 -4.51 29.86 -2.82
CA HIS B 111 -4.21 29.07 -4.02
C HIS B 111 -2.71 28.96 -4.20
N LEU B 112 -2.25 27.77 -4.61
CA LEU B 112 -0.82 27.49 -4.68
C LEU B 112 -0.20 28.13 -5.91
N PRO B 113 0.78 29.03 -5.76
CA PRO B 113 1.49 29.62 -6.92
C PRO B 113 2.52 28.65 -7.50
N ILE B 114 2.01 27.64 -8.21
CA ILE B 114 2.82 26.55 -8.75
C ILE B 114 2.35 26.28 -10.18
N GLU B 115 3.29 25.98 -11.06
CA GLU B 115 2.96 25.52 -12.41
C GLU B 115 3.48 24.09 -12.60
N ILE B 116 2.61 23.20 -13.04
CA ILE B 116 2.94 21.80 -13.28
C ILE B 116 2.65 21.49 -14.74
N LYS B 117 3.66 20.97 -15.45
CA LYS B 117 3.53 20.52 -16.82
C LYS B 117 3.68 19.02 -16.86
N ALA B 118 2.91 18.34 -17.74
CA ALA B 118 2.87 16.89 -17.70
C ALA B 118 2.53 16.32 -19.07
N VAL B 119 3.05 15.12 -19.33
CA VAL B 119 2.70 14.32 -20.50
C VAL B 119 1.25 13.91 -20.33
N PRO B 120 0.45 13.80 -21.39
CA PRO B 120 -0.96 13.41 -21.23
C PRO B 120 -1.11 12.07 -20.55
N GLU B 121 -2.16 11.95 -19.72
CA GLU B 121 -2.40 10.71 -19.01
C GLU B 121 -2.77 9.59 -19.97
N GLY B 122 -2.30 8.38 -19.65
CA GLY B 122 -2.42 7.25 -20.53
C GLY B 122 -1.26 7.05 -21.48
N PHE B 123 -0.39 8.07 -21.63
CA PHE B 123 0.73 7.96 -22.55
C PHE B 123 1.70 6.89 -22.08
N VAL B 124 2.21 6.12 -23.03
CA VAL B 124 3.17 5.06 -22.77
C VAL B 124 4.55 5.60 -23.16
N ILE B 125 5.40 5.85 -22.17
CA ILE B 125 6.66 6.55 -22.35
C ILE B 125 7.79 5.63 -21.93
N PRO B 126 8.86 5.51 -22.72
CA PRO B 126 10.01 4.70 -22.29
C PRO B 126 10.65 5.28 -21.03
N ARG B 127 11.35 4.40 -20.30
CA ARG B 127 12.02 4.80 -19.07
C ARG B 127 13.04 5.89 -19.35
N GLY B 128 13.29 6.71 -18.32
CA GLY B 128 14.31 7.73 -18.41
C GLY B 128 13.87 9.05 -19.02
N ASN B 129 12.57 9.30 -19.12
CA ASN B 129 12.06 10.52 -19.72
C ASN B 129 11.31 11.34 -18.68
N VAL B 130 11.32 12.66 -18.87
CA VAL B 130 10.59 13.55 -17.98
C VAL B 130 9.10 13.32 -18.18
N LEU B 131 8.38 13.07 -17.09
CA LEU B 131 6.94 12.85 -17.15
C LEU B 131 6.14 14.05 -16.66
N PHE B 132 6.60 14.72 -15.60
CA PHE B 132 6.06 16.02 -15.25
C PHE B 132 7.11 16.85 -14.53
N THR B 133 6.91 18.17 -14.56
CA THR B 133 7.81 19.13 -13.93
C THR B 133 7.01 20.05 -13.01
N VAL B 134 7.68 20.59 -12.00
CA VAL B 134 7.06 21.46 -11.01
C VAL B 134 7.96 22.65 -10.77
N GLU B 135 7.36 23.84 -10.71
CA GLU B 135 8.11 25.07 -10.42
C GLU B 135 7.16 26.09 -9.80
N ASN B 136 7.76 27.04 -9.08
CA ASN B 136 6.99 28.11 -8.44
C ASN B 136 6.81 29.26 -9.42
N THR B 137 5.64 29.90 -9.35
CA THR B 137 5.32 31.04 -10.20
C THR B 137 5.46 32.37 -9.50
N ASP B 138 5.87 32.36 -8.22
CA ASP B 138 6.11 33.57 -7.45
C ASP B 138 7.47 33.42 -6.78
N PRO B 139 8.38 34.39 -6.93
CA PRO B 139 9.70 34.26 -6.31
C PRO B 139 9.67 34.08 -4.81
N GLU B 140 8.61 34.53 -4.14
CA GLU B 140 8.51 34.39 -2.69
C GLU B 140 8.33 32.95 -2.25
N CYS B 141 7.75 32.11 -3.10
CA CYS B 141 7.42 30.72 -2.78
C CYS B 141 8.36 29.74 -3.47
N TYR B 142 9.65 30.09 -3.51
CA TYR B 142 10.68 29.17 -4.01
C TYR B 142 10.64 27.85 -3.26
N TRP B 143 10.32 27.90 -1.95
CA TRP B 143 10.32 26.71 -1.13
C TRP B 143 9.14 25.78 -1.43
N LEU B 144 8.13 26.28 -2.15
CA LEU B 144 6.90 25.52 -2.32
C LEU B 144 7.04 24.36 -3.29
N THR B 145 7.98 24.46 -4.24
CA THR B 145 8.12 23.43 -5.27
C THR B 145 8.35 22.06 -4.66
N ASN B 146 9.31 21.95 -3.75
CA ASN B 146 9.66 20.67 -3.15
C ASN B 146 8.83 20.35 -1.91
N TRP B 147 8.10 21.31 -1.36
CA TRP B 147 7.16 21.00 -0.28
C TRP B 147 6.14 19.97 -0.75
N ILE B 148 5.69 20.08 -1.99
CA ILE B 148 4.64 19.19 -2.50
C ILE B 148 5.26 18.01 -3.23
N GLU B 149 6.55 17.76 -2.99
CA GLU B 149 7.16 16.55 -3.54
C GLU B 149 6.49 15.30 -3.00
N THR B 150 6.29 15.24 -1.69
CA THR B 150 5.72 14.05 -1.06
C THR B 150 4.36 13.72 -1.65
N ILE B 151 3.50 14.73 -1.84
CA ILE B 151 2.18 14.51 -2.41
C ILE B 151 2.30 13.99 -3.84
N LEU B 152 3.14 14.66 -4.64
CA LEU B 152 3.20 14.34 -6.07
C LEU B 152 3.89 13.01 -6.33
N VAL B 153 4.88 12.64 -5.50
CA VAL B 153 5.64 11.42 -5.73
C VAL B 153 4.79 10.18 -5.55
N GLN B 154 3.74 10.24 -4.74
CA GLN B 154 2.81 9.12 -4.65
C GLN B 154 2.10 8.82 -5.97
N SER B 155 2.37 9.60 -7.03
CA SER B 155 1.96 9.21 -8.38
C SER B 155 2.58 7.88 -8.79
N TRP B 156 3.71 7.51 -8.18
CA TRP B 156 4.38 6.26 -8.53
C TRP B 156 3.42 5.08 -8.48
N TYR B 157 2.45 5.11 -7.59
CA TYR B 157 1.63 3.93 -7.34
C TYR B 157 0.62 3.72 -8.47
N PRO B 158 -0.22 4.71 -8.82
CA PRO B 158 -1.08 4.50 -10.01
C PRO B 158 -0.28 4.26 -11.28
N ILE B 159 0.89 4.90 -11.40
CA ILE B 159 1.75 4.66 -12.56
C ILE B 159 2.23 3.21 -12.58
N THR B 160 2.65 2.69 -11.43
CA THR B 160 3.19 1.35 -11.38
C THR B 160 2.11 0.28 -11.54
N VAL B 161 0.93 0.51 -10.95
CA VAL B 161 -0.17 -0.44 -11.11
C VAL B 161 -0.59 -0.51 -12.58
N ALA B 162 -0.73 0.65 -13.22
CA ALA B 162 -1.16 0.67 -14.62
C ALA B 162 -0.11 0.04 -15.53
N THR B 163 1.18 0.28 -15.23
CA THR B 163 2.24 -0.30 -16.05
C THR B 163 2.29 -1.82 -15.90
N ASN B 164 2.32 -2.30 -14.66
CA ASN B 164 2.42 -3.73 -14.42
C ASN B 164 1.18 -4.48 -14.91
N SER B 165 0.01 -3.85 -14.81
CA SER B 165 -1.20 -4.48 -15.35
C SER B 165 -1.16 -4.52 -16.88
N ARG B 166 -0.62 -3.48 -17.51
CA ARG B 166 -0.51 -3.46 -18.98
C ARG B 166 0.49 -4.51 -19.46
N GLU B 167 1.57 -4.70 -18.72
CA GLU B 167 2.53 -5.74 -19.09
C GLU B 167 1.90 -7.13 -19.00
N GLN B 168 1.00 -7.35 -18.04
CA GLN B 168 0.29 -8.61 -17.97
C GLN B 168 -0.68 -8.76 -19.13
N LYS B 169 -1.29 -7.66 -19.56
CA LYS B 169 -2.15 -7.67 -20.75
C LYS B 169 -1.37 -8.08 -21.99
N LYS B 170 -0.10 -7.65 -22.07
CA LYS B 170 0.75 -8.03 -23.20
C LYS B 170 0.94 -9.53 -23.27
N ILE B 171 1.19 -10.17 -22.13
CA ILE B 171 1.37 -11.61 -22.09
C ILE B 171 0.08 -12.32 -22.50
N LEU B 172 -1.05 -11.88 -21.93
CA LEU B 172 -2.33 -12.49 -22.27
C LEU B 172 -2.65 -12.29 -23.75
N ALA B 173 -2.34 -11.11 -24.29
CA ALA B 173 -2.62 -10.85 -25.70
C ALA B 173 -1.80 -11.77 -26.59
N LYS B 174 -0.54 -12.01 -26.26
CA LYS B 174 0.31 -12.84 -27.09
C LYS B 174 -0.19 -14.27 -27.15
N TYR B 175 -0.60 -14.83 -26.00
CA TYR B 175 -0.99 -16.23 -25.96
C TYR B 175 -2.43 -16.45 -26.38
N LEU B 176 -3.31 -15.47 -26.13
CA LEU B 176 -4.66 -15.54 -26.69
C LEU B 176 -4.62 -15.54 -28.21
N LEU B 177 -3.81 -14.65 -28.79
CA LEU B 177 -3.70 -14.57 -30.25
C LEU B 177 -3.07 -15.84 -30.81
N GLU B 178 -2.12 -16.43 -30.08
CA GLU B 178 -1.47 -17.66 -30.54
C GLU B 178 -2.45 -18.83 -30.56
N THR B 179 -3.22 -19.00 -29.50
CA THR B 179 -4.04 -20.20 -29.33
C THR B 179 -5.47 -20.04 -29.83
N SER B 180 -5.93 -18.82 -30.09
CA SER B 180 -7.30 -18.60 -30.54
C SER B 180 -7.41 -17.89 -31.87
N GLY B 181 -6.45 -17.04 -32.23
CA GLY B 181 -6.48 -16.33 -33.49
C GLY B 181 -7.03 -14.92 -33.43
N ASN B 182 -7.40 -14.44 -32.25
CA ASN B 182 -7.90 -13.07 -32.08
C ASN B 182 -7.70 -12.67 -30.62
N LEU B 183 -8.24 -11.50 -30.27
CA LEU B 183 -8.11 -10.95 -28.93
C LEU B 183 -9.47 -10.74 -28.27
N ASP B 184 -10.46 -11.53 -28.67
CA ASP B 184 -11.80 -11.41 -28.13
C ASP B 184 -11.79 -11.65 -26.63
N GLY B 185 -12.32 -10.70 -25.86
CA GLY B 185 -12.37 -10.86 -24.42
C GLY B 185 -11.06 -10.65 -23.67
N LEU B 186 -10.08 -10.04 -24.34
CA LEU B 186 -8.78 -9.80 -23.73
C LEU B 186 -8.89 -8.87 -22.52
N GLU B 187 -9.76 -7.87 -22.63
CA GLU B 187 -9.99 -6.86 -21.59
C GLU B 187 -10.57 -7.40 -20.26
N TYR B 188 -11.20 -8.57 -20.28
CA TYR B 188 -11.74 -9.22 -19.10
C TYR B 188 -10.87 -10.40 -18.59
N LYS B 189 -9.64 -10.57 -19.08
CA LYS B 189 -8.85 -11.74 -18.72
C LYS B 189 -8.07 -11.58 -17.42
N LEU B 190 -7.99 -10.38 -16.86
CA LEU B 190 -7.29 -10.15 -15.59
C LEU B 190 -8.24 -9.37 -14.68
N HIS B 191 -8.76 -10.03 -13.65
CA HIS B 191 -9.75 -9.46 -12.77
C HIS B 191 -9.13 -9.03 -11.45
N ASP B 192 -9.53 -7.86 -10.96
CA ASP B 192 -8.96 -7.24 -9.76
C ASP B 192 -9.65 -7.80 -8.52
N PHE B 193 -8.91 -8.61 -7.75
CA PHE B 193 -9.38 -9.16 -6.48
C PHE B 193 -8.72 -8.49 -5.28
N GLY B 194 -8.09 -7.34 -5.47
CA GLY B 194 -7.17 -6.80 -4.49
C GLY B 194 -7.75 -5.94 -3.38
N TYR B 195 -9.07 -5.87 -3.24
CA TYR B 195 -9.66 -4.95 -2.26
C TYR B 195 -9.17 -5.25 -0.84
N ARG B 196 -9.30 -6.50 -0.39
CA ARG B 196 -8.92 -6.80 0.98
C ARG B 196 -7.42 -6.98 1.16
N GLY B 197 -6.64 -7.03 0.08
CA GLY B 197 -5.21 -7.23 0.16
C GLY B 197 -4.37 -5.97 0.12
N VAL B 198 -4.99 -4.80 0.10
CA VAL B 198 -4.26 -3.54 0.03
C VAL B 198 -4.31 -2.85 1.38
N SER B 199 -3.56 -1.74 1.48
CA SER B 199 -3.27 -1.14 2.77
C SER B 199 -4.36 -0.21 3.29
N SER B 200 -5.28 0.23 2.43
CA SER B 200 -6.29 1.18 2.88
C SER B 200 -7.40 1.28 1.85
N GLN B 201 -8.46 2.01 2.23
CA GLN B 201 -9.57 2.29 1.30
C GLN B 201 -9.09 3.14 0.14
N GLU B 202 -8.36 4.22 0.43
CA GLU B 202 -7.92 5.14 -0.62
C GLU B 202 -7.01 4.42 -1.62
N THR B 203 -6.12 3.55 -1.11
CA THR B 203 -5.26 2.78 -2.00
C THR B 203 -6.09 1.86 -2.89
N ALA B 204 -7.14 1.26 -2.35
CA ALA B 204 -7.98 0.37 -3.14
C ALA B 204 -8.60 1.10 -4.33
N GLY B 205 -9.11 2.31 -4.11
CA GLY B 205 -9.72 3.06 -5.19
C GLY B 205 -8.72 3.51 -6.24
N ILE B 206 -7.55 3.99 -5.79
CA ILE B 206 -6.52 4.44 -6.72
C ILE B 206 -6.02 3.27 -7.56
N GLY B 207 -5.65 2.16 -6.90
CA GLY B 207 -5.07 1.05 -7.62
C GLY B 207 -6.06 0.38 -8.56
N ALA B 208 -7.31 0.25 -8.13
CA ALA B 208 -8.32 -0.35 -9.01
C ALA B 208 -8.57 0.52 -10.22
N SER B 209 -8.51 1.84 -10.05
CA SER B 209 -8.69 2.73 -11.19
C SER B 209 -7.52 2.60 -12.17
N ALA B 210 -6.31 2.37 -11.66
CA ALA B 210 -5.17 2.19 -12.53
C ALA B 210 -5.26 0.86 -13.29
N HIS B 211 -5.81 -0.17 -12.64
CA HIS B 211 -6.03 -1.44 -13.33
C HIS B 211 -7.05 -1.29 -14.46
N LEU B 212 -8.10 -0.50 -14.22
CA LEU B 212 -9.15 -0.32 -15.21
C LEU B 212 -8.68 0.46 -16.43
N VAL B 213 -7.49 1.05 -16.38
CA VAL B 213 -6.90 1.65 -17.58
C VAL B 213 -6.72 0.59 -18.66
N ASN B 214 -6.43 -0.65 -18.26
CA ASN B 214 -6.11 -1.72 -19.19
C ASN B 214 -7.20 -2.80 -19.30
N PHE B 215 -7.96 -3.03 -18.24
CA PHE B 215 -8.96 -4.08 -18.22
C PHE B 215 -10.31 -3.51 -17.78
N LYS B 216 -11.33 -4.36 -17.83
CA LYS B 216 -12.68 -3.96 -17.46
C LYS B 216 -13.24 -4.69 -16.24
N GLY B 217 -12.53 -5.68 -15.70
CA GLY B 217 -13.06 -6.49 -14.61
C GLY B 217 -12.44 -6.10 -13.28
N THR B 218 -13.32 -5.84 -12.31
CA THR B 218 -12.85 -5.47 -10.98
C THR B 218 -13.92 -5.84 -9.96
N ASP B 219 -13.48 -6.36 -8.82
CA ASP B 219 -14.33 -6.52 -7.64
C ASP B 219 -14.15 -5.39 -6.65
N THR B 220 -13.22 -4.47 -6.91
CA THR B 220 -12.94 -3.34 -6.03
C THR B 220 -13.84 -2.18 -6.46
N VAL B 221 -14.94 -1.99 -5.72
CA VAL B 221 -15.96 -1.03 -6.14
C VAL B 221 -15.46 0.40 -6.07
N ALA B 222 -14.51 0.68 -5.16
CA ALA B 222 -14.08 2.06 -4.93
C ALA B 222 -13.42 2.66 -6.16
N GLY B 223 -12.85 1.84 -7.03
CA GLY B 223 -12.23 2.37 -8.24
C GLY B 223 -13.23 3.02 -9.18
N LEU B 224 -14.47 2.54 -9.19
CA LEU B 224 -15.47 3.09 -10.09
C LEU B 224 -15.84 4.52 -9.69
N ALA B 225 -16.02 4.77 -8.40
CA ALA B 225 -16.38 6.10 -7.94
C ALA B 225 -15.25 7.09 -8.16
N LEU B 226 -14.00 6.65 -7.99
CA LEU B 226 -12.86 7.51 -8.26
C LEU B 226 -12.85 7.99 -9.70
N ILE B 227 -13.09 7.07 -10.64
CA ILE B 227 -13.00 7.41 -12.06
C ILE B 227 -14.10 8.39 -12.44
N LYS B 228 -15.33 8.16 -11.98
CA LYS B 228 -16.43 9.06 -12.33
C LYS B 228 -16.20 10.45 -11.75
N LYS B 229 -15.63 10.55 -10.55
CA LYS B 229 -15.48 11.84 -9.90
C LYS B 229 -14.33 12.64 -10.50
N TYR B 230 -13.25 11.97 -10.89
CA TYR B 230 -12.02 12.65 -11.26
C TYR B 230 -11.64 12.49 -12.72
N TYR B 231 -12.28 11.60 -13.47
CA TYR B 231 -11.87 11.39 -14.85
C TYR B 231 -13.08 11.33 -15.79
N GLY B 232 -14.02 10.45 -15.51
CA GLY B 232 -15.26 10.39 -16.27
C GLY B 232 -15.20 9.39 -17.41
N THR B 233 -16.36 8.81 -17.72
CA THR B 233 -16.47 7.87 -18.83
C THR B 233 -17.86 7.98 -19.44
N LYS B 234 -17.94 7.72 -20.75
CA LYS B 234 -19.23 7.77 -21.44
C LYS B 234 -20.21 6.76 -20.86
N ASP B 235 -19.73 5.54 -20.60
CA ASP B 235 -20.59 4.49 -20.10
C ASP B 235 -20.94 4.74 -18.63
N PRO B 236 -21.98 4.07 -18.12
CA PRO B 236 -22.35 4.29 -16.70
C PRO B 236 -21.25 3.92 -15.73
N VAL B 237 -20.51 2.85 -15.98
CA VAL B 237 -19.42 2.42 -15.09
C VAL B 237 -18.24 1.98 -15.93
N PRO B 238 -17.03 2.08 -15.36
CA PRO B 238 -15.84 1.61 -16.07
C PRO B 238 -15.49 0.15 -15.86
N GLY B 239 -16.06 -0.52 -14.85
CA GLY B 239 -15.71 -1.89 -14.55
C GLY B 239 -16.93 -2.72 -14.24
N TYR B 240 -16.77 -4.03 -14.38
CA TYR B 240 -17.89 -4.96 -14.26
C TYR B 240 -17.49 -6.18 -13.45
N SER B 241 -18.51 -6.89 -12.96
CA SER B 241 -18.31 -8.07 -12.14
C SER B 241 -19.43 -9.07 -12.44
N VAL B 242 -19.27 -10.28 -11.89
CA VAL B 242 -20.31 -11.31 -11.99
C VAL B 242 -20.57 -11.85 -10.59
N PRO B 243 -21.72 -12.49 -10.38
CA PRO B 243 -21.95 -13.17 -9.10
C PRO B 243 -20.90 -14.25 -8.86
N ALA B 244 -20.54 -14.44 -7.59
CA ALA B 244 -19.48 -15.37 -7.26
C ALA B 244 -19.65 -15.85 -5.83
N ALA B 245 -19.27 -17.11 -5.60
CA ALA B 245 -19.28 -17.68 -4.26
C ALA B 245 -17.93 -17.48 -3.59
N GLU B 246 -17.95 -17.48 -2.25
CA GLU B 246 -16.75 -17.51 -1.45
C GLU B 246 -16.80 -18.75 -0.57
N HIS B 247 -15.70 -18.99 0.17
CA HIS B 247 -15.63 -20.18 1.00
C HIS B 247 -16.71 -20.16 2.08
N SER B 248 -17.12 -18.98 2.54
CA SER B 248 -18.11 -18.92 3.59
C SER B 248 -19.49 -19.35 3.09
N THR B 249 -19.86 -18.98 1.86
CA THR B 249 -21.17 -19.37 1.35
C THR B 249 -21.23 -20.83 0.94
N ILE B 250 -20.08 -21.49 0.78
CA ILE B 250 -20.06 -22.91 0.46
C ILE B 250 -19.98 -23.70 1.74
N THR B 251 -18.97 -23.40 2.58
CA THR B 251 -18.75 -24.19 3.78
C THR B 251 -19.87 -24.06 4.79
N ALA B 252 -20.68 -22.99 4.72
CA ALA B 252 -21.80 -22.84 5.63
C ALA B 252 -22.82 -23.96 5.50
N TRP B 253 -22.86 -24.64 4.35
CA TRP B 253 -23.78 -25.74 4.15
C TRP B 253 -23.33 -27.01 4.86
N GLY B 254 -22.07 -27.08 5.27
CA GLY B 254 -21.53 -28.29 5.88
C GLY B 254 -20.72 -29.10 4.89
N LYS B 255 -19.75 -29.85 5.43
CA LYS B 255 -18.83 -30.58 4.55
C LYS B 255 -19.56 -31.57 3.66
N ASP B 256 -20.55 -32.27 4.21
CA ASP B 256 -21.26 -33.30 3.46
C ASP B 256 -22.30 -32.73 2.50
N HIS B 257 -22.42 -31.41 2.39
CA HIS B 257 -23.47 -30.80 1.57
C HIS B 257 -22.90 -29.82 0.56
N GLU B 258 -21.64 -30.00 0.16
CA GLU B 258 -21.05 -29.14 -0.85
C GLU B 258 -21.83 -29.20 -2.16
N LYS B 259 -22.37 -30.37 -2.49
CA LYS B 259 -23.21 -30.49 -3.68
C LYS B 259 -24.47 -29.65 -3.57
N ASP B 260 -25.07 -29.61 -2.37
CA ASP B 260 -26.26 -28.80 -2.16
C ASP B 260 -25.95 -27.32 -2.37
N ALA B 261 -24.81 -26.85 -1.86
CA ALA B 261 -24.42 -25.46 -2.05
C ALA B 261 -24.21 -25.14 -3.52
N PHE B 262 -23.46 -25.99 -4.22
CA PHE B 262 -23.25 -25.81 -5.66
C PHE B 262 -24.57 -25.70 -6.40
N GLU B 263 -25.47 -26.65 -6.17
CA GLU B 263 -26.75 -26.67 -6.87
C GLU B 263 -27.57 -25.42 -6.56
N HIS B 264 -27.59 -25.02 -5.28
CA HIS B 264 -28.34 -23.82 -4.92
C HIS B 264 -27.80 -22.58 -5.62
N ILE B 265 -26.48 -22.47 -5.73
CA ILE B 265 -25.89 -21.22 -6.20
C ILE B 265 -26.11 -21.04 -7.70
N VAL B 266 -25.83 -22.08 -8.50
CA VAL B 266 -25.94 -21.92 -9.94
C VAL B 266 -27.38 -21.86 -10.41
N THR B 267 -28.29 -22.37 -9.56
CA THR B 267 -29.74 -22.24 -9.76
C THR B 267 -30.21 -20.80 -9.47
N GLN B 268 -29.71 -20.20 -8.39
CA GLN B 268 -30.00 -18.82 -8.04
C GLN B 268 -29.51 -17.86 -9.12
N PHE B 269 -28.43 -18.21 -9.81
CA PHE B 269 -27.89 -17.39 -10.88
C PHE B 269 -27.85 -18.20 -12.18
N SER B 270 -29.01 -18.67 -12.62
CA SER B 270 -29.10 -19.56 -13.77
C SER B 270 -28.92 -18.83 -15.10
N SER B 271 -29.10 -17.52 -15.13
CA SER B 271 -29.06 -16.77 -16.39
C SER B 271 -28.02 -15.66 -16.39
N VAL B 272 -27.09 -15.64 -15.45
CA VAL B 272 -25.92 -14.77 -15.50
C VAL B 272 -24.69 -15.63 -15.26
N PRO B 273 -23.51 -15.17 -15.68
CA PRO B 273 -22.29 -15.90 -15.33
C PRO B 273 -22.13 -15.97 -13.82
N VAL B 274 -21.68 -17.11 -13.32
CA VAL B 274 -21.49 -17.27 -11.89
C VAL B 274 -20.15 -17.96 -11.64
N SER B 275 -19.35 -17.39 -10.74
CA SER B 275 -18.08 -17.97 -10.33
C SER B 275 -18.32 -18.76 -9.03
N VAL B 276 -17.83 -19.99 -8.99
CA VAL B 276 -18.00 -20.87 -7.84
C VAL B 276 -16.65 -21.44 -7.45
N VAL B 277 -16.12 -21.01 -6.30
CA VAL B 277 -14.91 -21.61 -5.75
C VAL B 277 -15.21 -23.06 -5.39
N SER B 278 -14.33 -23.96 -5.82
CA SER B 278 -14.63 -25.39 -5.75
C SER B 278 -13.54 -26.18 -5.03
N ASP B 279 -12.71 -25.48 -4.26
CA ASP B 279 -11.61 -26.11 -3.55
C ASP B 279 -11.79 -26.15 -2.05
N SER B 280 -13.02 -26.03 -1.57
CA SER B 280 -13.24 -26.01 -0.14
C SER B 280 -12.71 -27.27 0.53
N TYR B 281 -12.95 -28.43 -0.07
CA TYR B 281 -12.47 -29.68 0.50
C TYR B 281 -11.56 -30.44 -0.46
N ASP B 282 -12.06 -30.69 -1.66
CA ASP B 282 -11.28 -31.39 -2.69
C ASP B 282 -11.64 -30.81 -4.05
N ILE B 283 -10.72 -30.05 -4.65
CA ILE B 283 -10.98 -29.44 -5.95
C ILE B 283 -11.18 -30.47 -7.06
N TYR B 284 -10.35 -31.49 -7.08
CA TYR B 284 -10.43 -32.52 -8.07
C TYR B 284 -11.72 -33.32 -7.98
N ASN B 285 -12.16 -33.59 -6.75
CA ASN B 285 -13.42 -34.29 -6.53
C ASN B 285 -14.61 -33.48 -7.01
N ALA B 286 -14.57 -32.18 -6.75
CA ALA B 286 -15.69 -31.31 -7.13
C ALA B 286 -15.84 -31.23 -8.64
N CYS B 287 -14.72 -31.19 -9.38
CA CYS B 287 -14.79 -31.08 -10.83
C CYS B 287 -15.22 -32.40 -11.45
N GLU B 288 -14.70 -33.52 -10.96
CA GLU B 288 -14.94 -34.80 -11.60
C GLU B 288 -16.31 -35.37 -11.24
N LYS B 289 -16.70 -35.31 -9.98
CA LYS B 289 -17.90 -36.00 -9.51
C LYS B 289 -19.08 -35.06 -9.28
N ILE B 290 -18.86 -33.87 -8.71
CA ILE B 290 -19.97 -32.97 -8.43
C ILE B 290 -20.37 -32.21 -9.68
N TRP B 291 -19.47 -31.37 -10.21
CA TRP B 291 -19.77 -30.66 -11.45
C TRP B 291 -19.89 -31.63 -12.62
N GLY B 292 -19.02 -32.64 -12.67
CA GLY B 292 -18.92 -33.52 -13.81
C GLY B 292 -19.86 -34.71 -13.82
N GLU B 293 -20.56 -34.98 -12.71
CA GLU B 293 -21.47 -36.12 -12.68
C GLU B 293 -22.78 -35.76 -12.00
N ASP B 294 -22.73 -35.36 -10.72
CA ASP B 294 -23.95 -35.06 -9.98
C ASP B 294 -24.72 -33.91 -10.62
N LEU B 295 -24.06 -32.78 -10.83
CA LEU B 295 -24.71 -31.56 -11.29
C LEU B 295 -24.46 -31.27 -12.77
N ARG B 296 -23.93 -32.24 -13.52
CA ARG B 296 -23.61 -32.01 -14.92
C ARG B 296 -24.82 -31.53 -15.72
N HIS B 297 -26.02 -31.98 -15.34
CA HIS B 297 -27.23 -31.59 -16.06
C HIS B 297 -27.57 -30.12 -15.85
N LEU B 298 -27.14 -29.53 -14.73
CA LEU B 298 -27.37 -28.11 -14.49
C LEU B 298 -26.32 -27.24 -15.18
N ILE B 299 -25.25 -27.83 -15.69
CA ILE B 299 -24.16 -27.08 -16.31
C ILE B 299 -24.40 -26.98 -17.81
N VAL B 300 -24.58 -28.13 -18.47
CA VAL B 300 -24.70 -28.17 -19.93
C VAL B 300 -25.96 -27.47 -20.42
N SER B 301 -26.90 -27.19 -19.52
CA SER B 301 -28.11 -26.46 -19.89
C SER B 301 -27.91 -24.95 -19.94
N ARG B 302 -26.77 -24.50 -19.43
CA ARG B 302 -26.45 -23.08 -19.35
C ARG B 302 -26.18 -22.38 -20.67
N SER B 303 -26.58 -21.12 -20.72
CA SER B 303 -26.40 -20.27 -21.87
C SER B 303 -24.96 -19.84 -22.06
N THR B 304 -24.59 -19.52 -23.29
CA THR B 304 -23.24 -19.06 -23.63
C THR B 304 -22.93 -17.75 -22.91
N GLN B 305 -23.93 -16.87 -22.82
CA GLN B 305 -23.83 -15.61 -22.11
C GLN B 305 -23.65 -15.79 -20.59
N ALA B 306 -24.14 -16.89 -20.02
CA ALA B 306 -24.02 -17.13 -18.59
C ALA B 306 -23.43 -18.50 -18.22
N PRO B 307 -22.14 -18.67 -18.47
CA PRO B 307 -21.41 -19.91 -18.18
C PRO B 307 -21.08 -20.11 -16.70
N LEU B 308 -20.78 -21.34 -16.33
CA LEU B 308 -20.34 -21.63 -14.98
C LEU B 308 -18.83 -21.46 -15.03
N ILE B 309 -18.29 -20.71 -14.10
CA ILE B 309 -16.86 -20.44 -14.05
C ILE B 309 -16.32 -21.12 -12.79
N ILE B 310 -15.61 -22.23 -13.00
CA ILE B 310 -15.04 -22.99 -11.88
C ILE B 310 -13.77 -22.29 -11.41
N ARG B 311 -13.70 -22.03 -10.11
CA ARG B 311 -12.53 -21.36 -9.58
C ARG B 311 -11.77 -22.17 -8.55
N PRO B 312 -10.56 -22.62 -8.92
CA PRO B 312 -9.69 -23.30 -7.98
C PRO B 312 -9.00 -22.20 -7.19
N ASP B 313 -8.86 -22.37 -5.88
CA ASP B 313 -8.22 -21.36 -5.03
C ASP B 313 -6.99 -21.83 -4.25
N SER B 314 -6.46 -23.00 -4.57
CA SER B 314 -5.33 -23.53 -3.81
C SER B 314 -4.41 -24.47 -4.59
N GLY B 315 -3.23 -24.69 -4.04
CA GLY B 315 -2.24 -25.56 -4.63
C GLY B 315 -1.36 -24.86 -5.65
N ASN B 316 -0.50 -25.61 -6.32
CA ASN B 316 0.37 -25.00 -7.33
C ASN B 316 -0.51 -24.45 -8.45
N PRO B 317 -0.38 -23.16 -8.78
CA PRO B 317 -1.29 -22.55 -9.76
C PRO B 317 -1.28 -23.25 -11.12
N LEU B 318 -0.11 -23.58 -11.65
CA LEU B 318 -0.07 -24.20 -12.98
C LEU B 318 -0.56 -25.64 -12.93
N ASP B 319 -0.08 -26.42 -11.95
CA ASP B 319 -0.46 -27.82 -11.86
C ASP B 319 -1.95 -27.98 -11.61
N THR B 320 -2.52 -27.11 -10.77
CA THR B 320 -3.95 -27.19 -10.51
C THR B 320 -4.78 -26.89 -11.75
N VAL B 321 -4.39 -25.84 -12.50
CA VAL B 321 -5.15 -25.45 -13.69
C VAL B 321 -5.10 -26.56 -14.74
N LEU B 322 -3.94 -27.20 -14.91
CA LEU B 322 -3.83 -28.25 -15.91
C LEU B 322 -4.65 -29.48 -15.52
N LYS B 323 -4.58 -29.90 -14.26
CA LYS B 323 -5.36 -31.05 -13.83
C LYS B 323 -6.85 -30.75 -13.86
N VAL B 324 -7.24 -29.53 -13.48
CA VAL B 324 -8.64 -29.13 -13.56
C VAL B 324 -9.14 -29.25 -15.00
N LEU B 325 -8.36 -28.73 -15.95
CA LEU B 325 -8.77 -28.78 -17.35
C LEU B 325 -8.82 -30.21 -17.87
N GLU B 326 -7.84 -31.03 -17.50
CA GLU B 326 -7.84 -32.43 -17.93
C GLU B 326 -9.05 -33.17 -17.38
N ILE B 327 -9.42 -32.88 -16.13
CA ILE B 327 -10.62 -33.49 -15.56
C ILE B 327 -11.85 -33.06 -16.33
N LEU B 328 -12.02 -31.75 -16.53
CA LEU B 328 -13.20 -31.24 -17.21
C LEU B 328 -13.24 -31.69 -18.66
N GLY B 329 -12.07 -31.86 -19.30
CA GLY B 329 -12.05 -32.31 -20.66
C GLY B 329 -12.61 -33.71 -20.86
N LYS B 330 -12.56 -34.53 -19.81
CA LYS B 330 -13.03 -35.91 -19.88
C LYS B 330 -14.46 -36.08 -19.41
N LYS B 331 -15.04 -35.08 -18.75
CA LYS B 331 -16.45 -35.11 -18.36
C LYS B 331 -17.34 -34.29 -19.28
N PHE B 332 -16.76 -33.43 -20.11
CA PHE B 332 -17.50 -32.49 -20.93
C PHE B 332 -17.01 -32.52 -22.36
N PRO B 333 -17.85 -32.13 -23.33
CA PRO B 333 -17.48 -32.23 -24.75
C PRO B 333 -16.51 -31.14 -25.16
N VAL B 334 -15.28 -31.54 -25.49
CA VAL B 334 -14.24 -30.60 -25.92
C VAL B 334 -14.23 -30.48 -27.42
N THR B 335 -14.02 -29.26 -27.91
CA THR B 335 -13.80 -29.00 -29.33
C THR B 335 -12.36 -28.58 -29.56
N GLU B 336 -11.95 -28.63 -30.82
CA GLU B 336 -10.65 -28.15 -31.26
C GLU B 336 -10.87 -26.93 -32.14
N ASN B 337 -10.35 -25.78 -31.71
CA ASN B 337 -10.58 -24.55 -32.47
C ASN B 337 -9.71 -24.53 -33.73
N SER B 338 -9.83 -23.44 -34.48
CA SER B 338 -9.17 -23.36 -35.79
C SER B 338 -7.65 -23.34 -35.68
N LYS B 339 -7.10 -23.06 -34.51
CA LYS B 339 -5.65 -23.08 -34.33
C LYS B 339 -5.14 -24.42 -33.81
N GLY B 340 -6.03 -25.39 -33.60
CA GLY B 340 -5.64 -26.68 -33.08
C GLY B 340 -5.65 -26.80 -31.57
N TYR B 341 -6.23 -25.83 -30.87
CA TYR B 341 -6.18 -25.80 -29.41
C TYR B 341 -7.54 -26.17 -28.84
N LYS B 342 -7.52 -26.91 -27.73
CA LYS B 342 -8.71 -27.46 -27.13
C LYS B 342 -9.52 -26.38 -26.43
N LEU B 343 -10.84 -26.56 -26.43
CA LEU B 343 -11.76 -25.53 -25.96
C LEU B 343 -12.93 -26.19 -25.25
N LEU B 344 -13.17 -25.77 -24.00
CA LEU B 344 -14.35 -26.22 -23.27
C LEU B 344 -15.60 -25.74 -23.99
N PRO B 345 -16.75 -26.40 -23.75
CA PRO B 345 -18.00 -25.89 -24.29
C PRO B 345 -18.30 -24.52 -23.71
N PRO B 346 -19.08 -23.71 -24.43
CA PRO B 346 -19.22 -22.29 -24.06
C PRO B 346 -19.88 -22.06 -22.71
N TYR B 347 -20.52 -23.05 -22.11
CA TYR B 347 -21.16 -22.88 -20.81
C TYR B 347 -20.23 -23.16 -19.64
N LEU B 348 -18.94 -23.36 -19.90
CA LEU B 348 -18.00 -23.81 -18.86
C LEU B 348 -16.66 -23.10 -19.05
N ARG B 349 -16.25 -22.35 -18.04
CA ARG B 349 -14.96 -21.65 -18.07
C ARG B 349 -14.27 -21.80 -16.73
N VAL B 350 -13.02 -21.34 -16.68
CA VAL B 350 -12.16 -21.48 -15.50
C VAL B 350 -11.58 -20.11 -15.17
N ILE B 351 -11.45 -19.82 -13.87
CA ILE B 351 -10.74 -18.63 -13.42
C ILE B 351 -9.76 -19.05 -12.32
N GLN B 352 -8.50 -18.65 -12.47
CA GLN B 352 -7.46 -18.90 -11.48
C GLN B 352 -7.19 -17.59 -10.76
N GLY B 353 -7.63 -17.50 -9.51
CA GLY B 353 -7.51 -16.26 -8.76
C GLY B 353 -6.70 -16.36 -7.49
N ASP B 354 -5.75 -17.29 -7.44
CA ASP B 354 -4.87 -17.46 -6.29
C ASP B 354 -3.44 -17.58 -6.77
N GLY B 355 -2.54 -16.80 -6.16
CA GLY B 355 -1.14 -16.87 -6.50
C GLY B 355 -0.80 -16.35 -7.89
N VAL B 356 -1.54 -15.39 -8.40
CA VAL B 356 -1.32 -14.86 -9.74
C VAL B 356 -0.62 -13.51 -9.61
N ASP B 357 0.64 -13.47 -10.06
CA ASP B 357 1.28 -12.20 -10.38
C ASP B 357 1.83 -12.31 -11.80
N ILE B 358 2.61 -11.32 -12.24
CA ILE B 358 3.05 -11.32 -13.64
C ILE B 358 3.94 -12.51 -13.94
N ASN B 359 4.67 -13.01 -12.94
CA ASN B 359 5.58 -14.13 -13.17
C ASN B 359 4.83 -15.43 -13.33
N THR B 360 3.88 -15.72 -12.43
CA THR B 360 3.17 -16.99 -12.50
C THR B 360 2.14 -16.98 -13.63
N LEU B 361 1.54 -15.81 -13.92
CA LEU B 361 0.64 -15.70 -15.06
C LEU B 361 1.32 -16.15 -16.34
N GLN B 362 2.58 -15.76 -16.54
CA GLN B 362 3.33 -16.17 -17.71
C GLN B 362 3.56 -17.68 -17.71
N GLU B 363 3.82 -18.27 -16.55
CA GLU B 363 4.04 -19.70 -16.47
C GLU B 363 2.78 -20.50 -16.78
N ILE B 364 1.62 -19.97 -16.43
CA ILE B 364 0.36 -20.71 -16.62
C ILE B 364 0.00 -20.77 -18.11
N VAL B 365 -0.04 -19.62 -18.77
CA VAL B 365 -0.47 -19.60 -20.16
C VAL B 365 0.52 -20.34 -21.05
N GLU B 366 1.81 -20.30 -20.71
CA GLU B 366 2.78 -21.09 -21.44
C GLU B 366 2.56 -22.58 -21.21
N GLY B 367 2.28 -22.97 -19.97
CA GLY B 367 2.00 -24.37 -19.68
C GLY B 367 0.70 -24.84 -20.32
N MET B 368 -0.31 -23.96 -20.35
CA MET B 368 -1.55 -24.30 -21.05
C MET B 368 -1.31 -24.51 -22.54
N LYS B 369 -0.48 -23.65 -23.14
CA LYS B 369 -0.20 -23.77 -24.57
C LYS B 369 0.57 -25.05 -24.89
N GLN B 370 1.49 -25.45 -24.01
CA GLN B 370 2.24 -26.68 -24.23
C GLN B 370 1.35 -27.91 -24.16
N LYS B 371 0.26 -27.84 -23.38
CA LYS B 371 -0.72 -28.90 -23.32
C LYS B 371 -1.88 -28.70 -24.29
N MET B 372 -1.75 -27.76 -25.23
CA MET B 372 -2.72 -27.55 -26.31
C MET B 372 -4.07 -27.07 -25.78
N TRP B 373 -4.07 -26.29 -24.71
CA TRP B 373 -5.28 -25.66 -24.19
C TRP B 373 -5.31 -24.20 -24.61
N SER B 374 -6.43 -23.76 -25.16
CA SER B 374 -6.55 -22.36 -25.58
C SER B 374 -6.72 -21.46 -24.37
N ILE B 375 -6.19 -20.23 -24.47
CA ILE B 375 -6.41 -19.23 -23.44
C ILE B 375 -7.84 -18.76 -23.39
N GLU B 376 -8.65 -19.09 -24.38
CA GLU B 376 -10.09 -18.81 -24.32
C GLU B 376 -10.72 -19.47 -23.10
N ASN B 377 -10.17 -20.60 -22.65
CA ASN B 377 -10.77 -21.36 -21.57
C ASN B 377 -10.66 -20.68 -20.21
N ILE B 378 -9.73 -19.74 -20.05
CA ILE B 378 -9.32 -19.29 -18.73
C ILE B 378 -9.35 -17.78 -18.63
N ALA B 379 -9.62 -17.31 -17.42
CA ALA B 379 -9.37 -15.94 -17.00
C ALA B 379 -8.56 -15.98 -15.71
N PHE B 380 -8.03 -14.82 -15.31
CA PHE B 380 -7.17 -14.77 -14.15
C PHE B 380 -7.64 -13.69 -13.20
N GLY B 381 -7.47 -13.95 -11.91
CA GLY B 381 -7.74 -12.96 -10.87
C GLY B 381 -6.48 -12.77 -10.03
N SER B 382 -6.22 -11.52 -9.67
CA SER B 382 -5.04 -11.18 -8.89
C SER B 382 -5.42 -10.18 -7.81
N GLY B 383 -4.89 -10.37 -6.60
CA GLY B 383 -5.20 -9.46 -5.53
C GLY B 383 -3.99 -8.66 -5.07
N GLY B 384 -3.21 -9.26 -4.19
CA GLY B 384 -2.02 -8.62 -3.65
C GLY B 384 -0.97 -8.33 -4.72
N GLY B 385 -0.80 -9.26 -5.65
CA GLY B 385 0.16 -9.05 -6.71
C GLY B 385 -0.23 -7.87 -7.58
N LEU B 386 -1.51 -7.77 -7.91
CA LEU B 386 -2.01 -6.67 -8.72
C LEU B 386 -1.96 -5.29 -8.08
N LEU B 387 -2.35 -5.20 -6.81
CA LEU B 387 -2.39 -3.90 -6.14
C LEU B 387 -1.47 -3.64 -4.94
N GLN B 388 -1.03 -4.69 -4.26
CA GLN B 388 -0.19 -4.47 -3.09
C GLN B 388 1.31 -4.70 -3.18
N LYS B 389 1.75 -5.74 -3.88
CA LYS B 389 3.19 -5.99 -3.95
C LYS B 389 3.92 -5.21 -5.03
N LEU B 390 3.96 -3.90 -4.87
CA LEU B 390 4.62 -3.02 -5.79
C LEU B 390 5.29 -1.95 -4.97
N THR B 391 6.43 -1.45 -5.44
CA THR B 391 7.17 -0.43 -4.73
C THR B 391 7.68 0.63 -5.68
N ARG B 392 8.05 1.77 -5.13
CA ARG B 392 8.63 2.84 -5.92
C ARG B 392 9.93 2.41 -6.59
N ASP B 393 10.58 1.37 -6.06
CA ASP B 393 11.83 0.87 -6.62
C ASP B 393 11.62 0.16 -7.95
N LEU B 394 10.40 -0.33 -8.22
CA LEU B 394 10.18 -1.19 -9.39
C LEU B 394 10.43 -0.44 -10.68
N LEU B 395 9.97 0.81 -10.79
CA LEU B 395 10.19 1.63 -11.96
C LEU B 395 11.13 2.79 -11.70
N ASN B 396 11.74 2.86 -10.51
CA ASN B 396 12.67 3.93 -10.16
C ASN B 396 12.01 5.31 -10.29
N CYS B 397 10.78 5.42 -9.78
CA CYS B 397 10.09 6.70 -9.80
C CYS B 397 10.80 7.68 -8.90
N SER B 398 11.21 8.84 -9.44
CA SER B 398 12.06 9.77 -8.73
C SER B 398 11.64 11.20 -9.03
N PHE B 399 11.84 12.06 -8.05
CA PHE B 399 11.50 13.49 -8.12
C PHE B 399 12.73 14.24 -7.65
N LYS B 400 13.38 14.96 -8.55
CA LYS B 400 14.62 15.67 -8.24
C LYS B 400 14.57 17.07 -8.83
N CYS B 401 15.28 17.98 -8.19
CA CYS B 401 15.38 19.36 -8.66
C CYS B 401 16.48 19.45 -9.72
N SER B 402 16.18 20.12 -10.84
CA SER B 402 17.09 20.21 -11.97
C SER B 402 17.51 21.62 -12.32
N TYR B 403 16.92 22.64 -11.70
CA TYR B 403 17.15 24.02 -12.11
C TYR B 403 16.70 24.98 -11.00
N VAL B 404 17.58 25.90 -10.61
CA VAL B 404 17.22 26.97 -9.69
C VAL B 404 17.77 28.27 -10.24
N VAL B 405 17.16 29.38 -9.83
CA VAL B 405 17.66 30.71 -10.15
C VAL B 405 18.00 31.39 -8.85
N THR B 406 19.27 31.74 -8.69
CA THR B 406 19.76 32.44 -7.50
C THR B 406 20.48 33.70 -7.95
N ASN B 407 20.11 34.83 -7.36
CA ASN B 407 20.66 36.14 -7.71
C ASN B 407 20.42 36.47 -9.19
N GLY B 408 19.31 35.96 -9.74
CA GLY B 408 18.92 36.29 -11.10
C GLY B 408 19.52 35.44 -12.20
N LEU B 409 20.46 34.53 -11.89
CA LEU B 409 21.06 33.65 -12.87
C LEU B 409 20.67 32.21 -12.54
N GLY B 410 20.04 31.53 -13.49
CA GLY B 410 19.67 30.14 -13.28
C GLY B 410 20.85 29.20 -13.52
N ILE B 411 20.92 28.16 -12.70
CA ILE B 411 21.99 27.17 -12.79
C ILE B 411 21.37 25.78 -12.93
N ASN B 412 22.00 24.93 -13.73
CA ASN B 412 21.58 23.54 -13.87
C ASN B 412 22.12 22.75 -12.68
N VAL B 413 21.22 22.12 -11.93
CA VAL B 413 21.57 21.36 -10.75
C VAL B 413 21.24 19.88 -10.89
N PHE B 414 22.09 19.05 -10.30
CA PHE B 414 21.94 17.62 -10.36
C PHE B 414 22.71 16.91 -9.25
N LYS B 415 22.42 15.63 -9.07
CA LYS B 415 23.12 14.82 -8.10
C LYS B 415 23.78 13.68 -8.86
N ASP B 416 25.05 13.42 -8.56
CA ASP B 416 25.81 12.38 -9.21
C ASP B 416 26.56 11.53 -8.20
N PRO B 417 25.87 10.67 -7.45
CA PRO B 417 26.59 9.90 -6.42
C PRO B 417 27.65 9.01 -7.04
N VAL B 418 28.81 8.97 -6.42
CA VAL B 418 29.92 8.18 -6.92
C VAL B 418 29.60 6.68 -6.91
N ALA B 419 28.93 6.24 -5.87
CA ALA B 419 28.55 4.85 -5.71
C ALA B 419 27.58 4.36 -6.77
N ASP B 420 26.63 5.20 -7.14
CA ASP B 420 25.64 4.78 -8.14
C ASP B 420 25.42 5.72 -9.33
N PRO B 421 25.74 5.25 -10.53
CA PRO B 421 25.53 5.91 -11.84
C PRO B 421 24.04 6.06 -12.13
N ASN B 422 23.28 5.07 -11.72
CA ASN B 422 21.83 5.01 -11.91
C ASN B 422 21.09 6.14 -11.21
N LYS B 423 21.67 6.61 -10.11
CA LYS B 423 21.08 7.68 -9.30
C LYS B 423 21.32 9.07 -9.84
N ARG B 424 22.08 9.17 -10.93
CA ARG B 424 22.39 10.45 -11.52
C ARG B 424 21.09 11.09 -12.00
N SER B 425 20.99 12.41 -11.88
CA SER B 425 19.77 13.13 -12.26
C SER B 425 19.95 14.10 -13.42
N LYS B 426 18.86 14.41 -14.12
CA LYS B 426 18.86 15.32 -15.26
C LYS B 426 19.17 16.77 -14.86
N LYS B 427 19.71 17.52 -15.80
CA LYS B 427 20.11 18.90 -15.56
C LYS B 427 19.38 19.97 -16.33
N GLY B 428 19.00 21.01 -15.62
CA GLY B 428 18.37 22.17 -16.20
C GLY B 428 16.93 22.06 -16.57
N ARG B 429 16.47 23.02 -17.37
CA ARG B 429 15.10 23.06 -17.83
C ARG B 429 14.91 21.89 -18.77
N LEU B 430 13.79 21.20 -18.61
CA LEU B 430 13.53 20.00 -19.40
C LEU B 430 12.33 20.08 -20.33
N SER B 431 12.41 19.33 -21.42
CA SER B 431 11.32 19.24 -22.39
C SER B 431 11.29 17.82 -23.00
N LEU B 432 10.11 17.41 -23.43
CA LEU B 432 9.91 16.09 -24.01
C LEU B 432 9.55 16.27 -25.49
N HIS B 433 10.18 15.47 -26.35
CA HIS B 433 10.02 15.67 -27.79
C HIS B 433 9.99 14.34 -28.53
N ARG B 434 9.45 14.41 -29.76
CA ARG B 434 9.54 13.31 -30.70
C ARG B 434 10.87 13.38 -31.45
N THR B 435 11.50 12.23 -31.61
CA THR B 435 12.68 12.12 -32.47
C THR B 435 12.22 11.99 -33.92
N PRO B 436 13.12 12.20 -34.89
CA PRO B 436 12.71 12.02 -36.29
C PRO B 436 12.18 10.63 -36.60
N ALA B 437 12.65 9.61 -35.90
CA ALA B 437 12.13 8.26 -36.07
C ALA B 437 10.84 8.02 -35.29
N GLY B 438 10.29 9.03 -34.63
CA GLY B 438 9.04 8.89 -33.92
C GLY B 438 9.13 8.44 -32.49
N ASN B 439 10.33 8.35 -31.92
CA ASN B 439 10.50 7.94 -30.54
C ASN B 439 10.51 9.16 -29.64
N PHE B 440 10.78 8.96 -28.35
CA PHE B 440 10.78 10.02 -27.36
C PHE B 440 12.19 10.39 -26.97
N VAL B 441 12.40 11.67 -26.67
CA VAL B 441 13.66 12.17 -26.14
C VAL B 441 13.36 13.30 -25.16
N THR B 442 14.11 13.32 -24.06
CA THR B 442 14.04 14.40 -23.09
C THR B 442 15.27 15.29 -23.30
N LEU B 443 15.02 16.57 -23.59
CA LEU B 443 16.10 17.52 -23.81
C LEU B 443 16.42 18.25 -22.51
N GLU B 444 17.71 18.38 -22.21
CA GLU B 444 18.17 18.98 -20.98
C GLU B 444 18.77 20.36 -21.24
N GLU B 445 18.90 21.14 -20.16
CA GLU B 445 19.59 22.43 -20.19
C GLU B 445 18.87 23.44 -21.09
N GLY B 446 17.54 23.35 -21.12
CA GLY B 446 16.75 24.29 -21.89
C GLY B 446 16.93 24.19 -23.40
N LYS B 447 17.60 23.15 -23.88
CA LYS B 447 17.87 23.02 -25.31
C LYS B 447 16.61 22.80 -26.14
N GLY B 448 15.47 22.55 -25.51
CA GLY B 448 14.22 22.54 -26.26
C GLY B 448 13.86 23.90 -26.82
N ASP B 449 14.47 24.97 -26.30
CA ASP B 449 14.24 26.30 -26.84
C ASP B 449 14.90 26.50 -28.20
N LEU B 450 15.83 25.62 -28.57
CA LEU B 450 16.48 25.72 -29.87
C LEU B 450 15.59 25.27 -31.02
N GLU B 451 14.46 24.61 -30.72
CA GLU B 451 13.45 24.26 -31.71
C GLU B 451 13.99 23.33 -32.80
N GLU B 452 14.96 22.49 -32.46
CA GLU B 452 15.45 21.47 -33.38
C GLU B 452 14.66 20.17 -33.29
N TYR B 453 13.84 20.04 -32.25
CA TYR B 453 13.05 18.84 -32.04
C TYR B 453 11.54 19.07 -32.03
N GLY B 454 11.10 20.22 -32.50
CA GLY B 454 9.68 20.52 -32.53
C GLY B 454 9.14 20.96 -31.18
N GLN B 455 7.83 20.98 -31.06
CA GLN B 455 7.16 21.40 -29.84
C GLN B 455 7.31 20.45 -28.66
N ASP B 456 7.34 21.02 -27.47
CA ASP B 456 7.45 20.25 -26.24
C ASP B 456 6.14 19.49 -26.01
N LEU B 457 6.25 18.21 -25.74
CA LEU B 457 5.10 17.34 -25.48
C LEU B 457 4.32 17.62 -24.19
N LEU B 458 5.00 18.05 -23.13
CA LEU B 458 4.34 18.35 -21.87
C LEU B 458 3.36 19.51 -21.99
N HIS B 459 2.26 19.42 -21.26
CA HIS B 459 1.23 20.44 -21.25
C HIS B 459 1.02 20.98 -19.84
N THR B 460 0.85 22.30 -19.71
CA THR B 460 0.51 22.84 -18.41
C THR B 460 -0.81 22.26 -17.94
N VAL B 461 -0.77 21.48 -16.87
CA VAL B 461 -1.98 20.88 -16.31
C VAL B 461 -2.42 21.55 -15.01
N PHE B 462 -1.57 22.37 -14.41
CA PHE B 462 -1.88 23.02 -13.14
C PHE B 462 -1.12 24.34 -13.08
N LYS B 463 -1.83 25.43 -12.79
CA LYS B 463 -1.19 26.72 -12.63
C LYS B 463 -2.00 27.56 -11.65
N ASN B 464 -1.33 28.00 -10.58
CA ASN B 464 -1.88 28.98 -9.64
C ASN B 464 -3.23 28.54 -9.09
N GLY B 465 -3.30 27.27 -8.69
CA GLY B 465 -4.45 26.75 -7.97
C GLY B 465 -5.56 26.19 -8.81
N LYS B 466 -5.42 26.16 -10.13
CA LYS B 466 -6.48 25.68 -11.01
C LYS B 466 -5.94 24.62 -11.95
N VAL B 467 -6.74 23.59 -12.19
CA VAL B 467 -6.42 22.55 -13.16
C VAL B 467 -6.70 23.10 -14.55
N THR B 468 -5.66 23.19 -15.38
CA THR B 468 -5.75 23.87 -16.67
C THR B 468 -5.90 22.93 -17.86
N LYS B 469 -5.68 21.62 -17.66
CA LYS B 469 -5.87 20.64 -18.72
C LYS B 469 -6.16 19.31 -18.07
N SER B 470 -7.17 18.60 -18.60
CA SER B 470 -7.63 17.36 -17.99
C SER B 470 -8.01 16.38 -19.09
N TYR B 471 -8.13 15.12 -18.70
CA TYR B 471 -8.37 14.02 -19.63
C TYR B 471 -9.46 13.11 -19.08
N SER B 472 -10.34 12.67 -19.97
CA SER B 472 -11.34 11.67 -19.60
C SER B 472 -10.70 10.30 -19.50
N PHE B 473 -11.31 9.42 -18.70
CA PHE B 473 -10.82 8.06 -18.60
C PHE B 473 -10.92 7.33 -19.93
N ASP B 474 -11.77 7.80 -20.84
CA ASP B 474 -11.83 7.22 -22.18
C ASP B 474 -10.58 7.56 -22.98
N GLU B 475 -10.13 8.82 -22.91
CA GLU B 475 -8.90 9.21 -23.60
C GLU B 475 -7.70 8.45 -23.04
N ILE B 476 -7.65 8.30 -21.71
CA ILE B 476 -6.55 7.59 -21.08
C ILE B 476 -6.49 6.15 -21.57
N ARG B 477 -7.64 5.50 -21.63
CA ARG B 477 -7.68 4.11 -22.11
C ARG B 477 -7.19 4.01 -23.54
N LYS B 478 -7.58 4.96 -24.40
CA LYS B 478 -7.12 4.92 -25.78
C LYS B 478 -5.63 5.19 -25.88
N ASN B 479 -5.12 6.10 -25.05
CA ASN B 479 -3.69 6.37 -25.06
C ASN B 479 -2.88 5.16 -24.63
N ALA B 480 -3.46 4.29 -23.80
CA ALA B 480 -2.73 3.21 -23.15
C ALA B 480 -2.81 1.88 -23.89
N GLN B 481 -3.48 1.83 -25.04
CA GLN B 481 -3.69 0.57 -25.74
C GLN B 481 -2.37 -0.06 -26.17
N LEU B 482 -2.41 -1.37 -26.39
CA LEU B 482 -1.26 -2.10 -26.89
C LEU B 482 -1.10 -1.90 -28.39
N ASN B 483 0.14 -2.06 -28.86
CA ASN B 483 0.39 -1.99 -30.30
C ASN B 483 -0.35 -3.09 -31.04
N ILE B 484 -0.39 -4.29 -30.47
CA ILE B 484 -1.10 -5.41 -31.10
C ILE B 484 -2.57 -5.08 -31.27
N GLU B 485 -3.12 -4.23 -30.41
CA GLU B 485 -4.52 -3.84 -30.54
C GLU B 485 -4.70 -2.76 -31.61
N LEU B 486 -3.68 -1.93 -31.82
CA LEU B 486 -3.74 -0.90 -32.86
C LEU B 486 -3.45 -1.52 -34.22
P PO4 C . -6.95 -16.47 2.71
O1 PO4 C . -6.28 -17.25 3.82
O2 PO4 C . -7.69 -17.42 1.79
O3 PO4 C . -7.93 -15.50 3.32
O4 PO4 C . -5.92 -15.74 1.91
C1 GOL D . 0.97 -10.56 26.73
O1 GOL D . 1.61 -10.56 25.45
C2 GOL D . 0.37 -9.20 27.05
O2 GOL D . 0.55 -8.96 28.44
C3 GOL D . 1.09 -8.10 26.27
O3 GOL D . 1.15 -8.49 24.89
C11 TKF E . 21.16 9.91 15.31
C10 TKF E . 21.63 8.73 14.75
C12 TKF E . 21.53 10.05 16.71
C02 TKF E . 19.89 12.58 22.09
C04 TKF E . 21.27 12.36 19.86
C05 TKF E . 21.63 11.16 18.92
C06 TKF E . 22.40 10.07 19.40
C07 TKF E . 22.72 8.99 18.56
C08 TKF E . 22.28 9.01 17.23
C13 TKF E . 21.21 11.13 17.57
C14 TKF E . 18.79 12.04 23.05
C15 TKF E . 18.63 10.45 22.97
C17 TKF E . 18.97 8.80 20.84
C19 TKF E . 20.16 6.73 20.64
C21 TKF E . 19.39 7.65 18.64
C24 TKF E . 17.92 9.58 15.82
C25 TKF E . 17.62 8.74 14.73
C26 TKF E . 17.15 9.25 13.50
C27 TKF E . 16.97 10.63 13.32
C28 TKF E . 16.47 11.17 12.03
C32 TKF E . 17.26 11.48 14.38
C33 TKF E . 17.73 10.97 15.62
C34 TKF E . 18.24 9.56 18.40
C35 TKF E . 18.83 8.74 19.38
C36 TKF E . 17.41 10.91 20.82
C37 TKF E . 16.60 11.78 21.83
C38 TKF E . 17.47 12.69 22.70
F29 TKF E . 17.30 12.02 11.33
F30 TKF E . 16.14 10.25 11.06
F31 TKF E . 15.31 11.90 12.11
N03 TKF E . 20.25 11.97 20.86
N16 TKF E . 18.37 10.00 21.54
N18 TKF E . 19.63 7.80 21.42
N20 TKF E . 20.07 6.59 19.31
N22 TKF E . 19.13 7.80 17.28
N23 TKF E . 18.42 9.00 17.14
O01 TKF E . 20.51 13.60 22.43
S09 TKF E . 22.51 7.84 15.95
P PO4 F . 15.28 8.48 -6.12
O1 PO4 F . 15.60 8.23 -4.66
O2 PO4 F . 14.32 9.63 -6.23
O3 PO4 F . 16.55 8.82 -6.86
O4 PO4 F . 14.68 7.25 -6.72
C1 GOL G . -9.45 19.24 -22.58
O1 GOL G . -8.64 19.83 -21.60
C2 GOL G . -8.55 18.26 -23.34
O2 GOL G . -7.32 18.09 -22.71
C3 GOL G . -8.42 18.88 -24.75
O3 GOL G . -7.32 19.73 -24.71
C1 GOL H . 2.36 7.10 -27.38
O1 GOL H . 3.11 5.94 -27.21
C2 GOL H . 0.91 6.75 -26.94
O2 GOL H . 0.80 6.67 -25.57
C3 GOL H . 0.03 7.87 -27.55
O3 GOL H . 0.52 8.11 -28.84
C11 TKF I . -14.66 -16.43 -17.55
C10 TKF I . -13.36 -16.89 -17.65
C12 TKF I . -15.30 -16.25 -18.87
C02 TKF I . -18.38 -13.56 -22.80
C04 TKF I . -18.59 -15.16 -20.72
C05 TKF I . -17.12 -15.67 -20.45
C06 TKF I . -16.25 -16.00 -21.51
C07 TKF I . -14.95 -16.46 -21.27
C08 TKF I . -14.49 -16.57 -19.95
C13 TKF I . -16.62 -15.79 -19.13
C14 TKF I . -18.39 -12.14 -23.46
C15 TKF I . -16.93 -11.60 -23.61
C17 TKF I . -14.92 -12.54 -22.11
C19 TKF I . -12.94 -13.69 -22.78
C21 TKF I . -13.31 -13.56 -20.48
C24 TKF I . -14.37 -13.05 -16.97
C25 TKF I . -13.25 -13.01 -16.12
C26 TKF I . -13.39 -12.94 -14.72
C27 TKF I . -14.65 -12.90 -14.13
C28 TKF I . -14.78 -12.80 -12.64
C32 TKF I . -15.77 -12.92 -14.95
C33 TKF I . -15.64 -13.01 -16.35
C34 TKF I . -15.05 -12.58 -19.44
C35 TKF I . -14.52 -12.83 -20.73
C36 TKF I . -16.96 -11.16 -21.16
C37 TKF I . -18.21 -10.37 -21.66
C38 TKF I . -19.15 -11.19 -22.57
F29 TKF I . -15.47 -13.79 -11.99
F30 TKF I . -15.40 -11.68 -12.15
F31 TKF I . -13.61 -12.77 -11.95
N03 TKF I . -18.61 -13.84 -21.42
N16 TKF I . -16.20 -11.78 -22.31
N18 TKF I . -14.13 -12.98 -23.08
N20 TKF I . -12.49 -14.00 -21.55
N22 TKF I . -13.10 -13.73 -19.12
N23 TKF I . -14.18 -13.12 -18.48
O01 TKF I . -18.13 -14.52 -23.55
S09 TKF I . -12.93 -17.08 -19.33
CL CL J . -4.59 -12.21 -2.55
#